data_1LO0
#
_entry.id   1LO0
#
_cell.length_a   40.528
_cell.length_b   140.095
_cell.length_c   85.476
_cell.angle_alpha   90.00
_cell.angle_beta   90.00
_cell.angle_gamma   90.00
#
_symmetry.space_group_name_H-M   'P 1 21 1'
#
loop_
_entity.id
_entity.type
_entity.pdbx_description
1 polymer 'If kappa light chain'
2 polymer 'Ig gamma 2a heavy chain'
3 non-polymer '3-{[(9-CYANO-9,10-DIHYDRO-10-METHYLACRIDIN-9-YL)CARBONYL]AMINO}PROPANOIC ACID'
4 water water
#
loop_
_entity_poly.entity_id
_entity_poly.type
_entity_poly.pdbx_seq_one_letter_code
_entity_poly.pdbx_strand_id
1 'polypeptide(L)'
;DVLMTQTPLSLPVSLGDQVSIFCTSSQTIVHTNGNTYLEWYLQKPGQSPKLLIYKVSNRFSGVPDRFSGSGSGTDFTLKI
SRVETEDLGIYYCFQGSHFPLAFGAGTKLELKRADAAPTVSIFPPSSEQLTSGGASVVCFLNNFYPKDINVKWKIDGSER
QNGVLNSWTDQDSKDSTYSMSSTLTLTKDEYERHNSYTCEATHKTSTSPIVKSFNRNEC
;
X,L
2 'polypeptide(L)'
;EVKLVESGGGLVKPGGSLKLSCAASGFSFRNYGMSWVRQTPEKRLEWVASISYGGLIYYPDSIKGRFTISRDIAQNILYL
QMSSLRSEDTAMYHCIRGDSFLVWFTFWGQGTLVTVSAAKTTAPSVYPLAPVCGDTTGSSVTLGCLVKGYFPEPVTLTWN
SGSLSSGVHTFPAVLQSDLYTLSSSVTVTSSTWPSQSITCNVAHPASSTQVDKKIEPRGP
;
Y,H
#
# COMPACT_ATOMS: atom_id res chain seq x y z
N ASP A 1 -22.22 -11.25 5.23
CA ASP A 1 -21.44 -10.53 6.28
C ASP A 1 -22.12 -10.62 7.64
N VAL A 2 -21.34 -10.85 8.69
CA VAL A 2 -21.89 -10.94 10.04
C VAL A 2 -21.71 -9.61 10.75
N LEU A 3 -22.82 -9.00 11.13
CA LEU A 3 -22.78 -7.72 11.81
C LEU A 3 -22.97 -7.89 13.32
N MET A 4 -22.16 -7.18 14.10
CA MET A 4 -22.27 -7.26 15.57
C MET A 4 -23.02 -6.04 16.09
N THR A 5 -24.06 -6.29 16.89
CA THR A 5 -24.90 -5.24 17.46
C THR A 5 -24.73 -5.16 18.98
N GLN A 6 -24.25 -4.01 19.47
CA GLN A 6 -24.06 -3.83 20.90
C GLN A 6 -25.14 -3.00 21.59
N THR A 7 -25.46 -3.37 22.82
CA THR A 7 -26.48 -2.69 23.61
C THR A 7 -26.18 -2.78 25.11
N PRO A 8 -26.33 -1.65 25.82
CA PRO A 8 -26.76 -0.34 25.29
C PRO A 8 -25.52 0.40 24.78
N LEU A 9 -25.71 1.50 24.08
CA LEU A 9 -24.54 2.25 23.62
C LEU A 9 -23.97 3.05 24.80
N SER A 10 -24.71 3.09 25.89
CA SER A 10 -24.30 3.81 27.10
C SER A 10 -24.89 3.15 28.35
N LEU A 11 -24.00 2.64 29.21
CA LEU A 11 -24.44 2.00 30.44
C LEU A 11 -24.01 2.79 31.66
N PRO A 12 -24.94 3.57 32.24
CA PRO A 12 -24.62 4.38 33.43
C PRO A 12 -24.64 3.46 34.64
N VAL A 13 -23.55 3.45 35.39
CA VAL A 13 -23.43 2.59 36.55
C VAL A 13 -22.92 3.33 37.79
N SER A 14 -23.09 2.68 38.94
CA SER A 14 -22.60 3.17 40.21
C SER A 14 -21.48 2.18 40.50
N LEU A 15 -20.38 2.67 41.09
CA LEU A 15 -19.26 1.80 41.42
C LEU A 15 -19.76 0.71 42.38
N GLY A 16 -19.24 -0.50 42.22
CA GLY A 16 -19.64 -1.61 43.07
C GLY A 16 -20.69 -2.44 42.38
N ASP A 17 -21.23 -1.90 41.29
CA ASP A 17 -22.28 -2.58 40.53
C ASP A 17 -21.81 -3.78 39.70
N GLN A 18 -22.66 -4.80 39.62
CA GLN A 18 -22.40 -5.98 38.80
C GLN A 18 -23.15 -5.65 37.52
N VAL A 19 -22.43 -5.58 36.41
CA VAL A 19 -23.05 -5.25 35.13
C VAL A 19 -22.87 -6.29 34.03
N SER A 20 -23.77 -6.24 33.04
CA SER A 20 -23.76 -7.13 31.88
C SER A 20 -24.01 -6.34 30.60
N ILE A 21 -23.05 -6.42 29.69
CA ILE A 21 -23.09 -5.74 28.39
C ILE A 21 -23.37 -6.79 27.32
N PHE A 22 -24.24 -6.48 26.36
CA PHE A 22 -24.57 -7.46 25.34
C PHE A 22 -24.16 -7.14 23.91
N CYS A 23 -24.02 -8.21 23.16
CA CYS A 23 -23.61 -8.14 21.77
C CYS A 23 -24.37 -9.21 21.00
N THR A 24 -24.96 -8.79 19.87
CA THR A 24 -25.72 -9.72 19.04
C THR A 24 -25.13 -9.83 17.63
N SER A 25 -24.93 -11.06 17.16
CA SER A 25 -24.40 -11.26 15.82
C SER A 25 -25.58 -11.50 14.88
N SER A 26 -25.46 -11.01 13.65
CA SER A 26 -26.52 -11.14 12.64
C SER A 26 -26.88 -12.60 12.38
N GLN A 27 -25.98 -13.50 12.77
CA GLN A 27 -26.15 -14.94 12.63
C GLN A 27 -25.07 -15.65 13.42
N THR A 28 -25.16 -16.96 13.50
CA THR A 28 -24.19 -17.76 14.25
C THR A 28 -22.77 -17.51 13.79
N ILE A 29 -21.86 -17.45 14.77
CA ILE A 29 -20.44 -17.18 14.50
C ILE A 29 -19.46 -18.28 14.95
N VAL A 30 -19.60 -19.47 14.38
CA VAL A 30 -18.71 -20.57 14.71
C VAL A 30 -17.77 -20.84 13.53
N HIS A 31 -16.48 -20.72 13.77
CA HIS A 31 -15.50 -20.97 12.71
C HIS A 31 -15.62 -22.44 12.28
N THR A 32 -15.22 -22.77 11.06
CA THR A 32 -15.31 -24.15 10.59
C THR A 32 -14.51 -25.12 11.44
N ASN A 33 -13.59 -24.60 12.23
CA ASN A 33 -12.79 -25.46 13.08
C ASN A 33 -13.49 -25.66 14.42
N GLY A 34 -14.72 -25.13 14.51
CA GLY A 34 -15.53 -25.27 15.70
C GLY A 34 -15.42 -24.21 16.78
N ASN A 35 -14.42 -23.35 16.70
CA ASN A 35 -14.24 -22.30 17.69
C ASN A 35 -15.04 -21.03 17.40
N THR A 36 -15.40 -20.32 18.47
CA THR A 36 -16.15 -19.07 18.34
C THR A 36 -15.18 -17.95 18.66
N TYR A 37 -14.79 -17.20 17.63
CA TYR A 37 -13.86 -16.10 17.80
C TYR A 37 -14.48 -14.77 18.19
N LEU A 38 -15.19 -14.78 19.30
CA LEU A 38 -15.81 -13.57 19.81
C LEU A 38 -14.84 -12.97 20.85
N GLU A 39 -14.40 -11.75 20.61
CA GLU A 39 -13.49 -11.07 21.54
C GLU A 39 -14.08 -9.79 22.16
N TRP A 40 -13.64 -9.46 23.36
CA TRP A 40 -14.08 -8.24 24.05
C TRP A 40 -12.87 -7.35 24.31
N TYR A 41 -13.03 -6.08 24.00
CA TYR A 41 -11.97 -5.09 24.18
C TYR A 41 -12.46 -3.89 24.98
N LEU A 42 -11.55 -3.32 25.75
CA LEU A 42 -11.87 -2.14 26.54
C LEU A 42 -10.87 -1.06 26.13
N GLN A 43 -11.39 0.09 25.72
CA GLN A 43 -10.52 1.19 25.36
C GLN A 43 -10.71 2.26 26.42
N LYS A 44 -9.64 2.55 27.14
CA LYS A 44 -9.66 3.55 28.20
C LYS A 44 -9.41 4.90 27.56
N PRO A 45 -10.09 5.96 28.04
CA PRO A 45 -9.87 7.27 27.43
C PRO A 45 -8.39 7.59 27.20
N GLY A 46 -8.05 8.01 25.98
CA GLY A 46 -6.67 8.34 25.68
C GLY A 46 -5.76 7.16 25.36
N GLN A 47 -6.29 5.94 25.45
CA GLN A 47 -5.49 4.76 25.17
C GLN A 47 -6.04 3.90 24.05
N SER A 48 -5.23 2.93 23.62
CA SER A 48 -5.63 2.01 22.56
C SER A 48 -6.44 0.90 23.22
N PRO A 49 -7.25 0.18 22.42
CA PRO A 49 -8.07 -0.91 22.98
C PRO A 49 -7.21 -2.02 23.58
N LYS A 50 -7.72 -2.67 24.61
CA LYS A 50 -7.01 -3.78 25.26
C LYS A 50 -7.89 -5.00 25.36
N LEU A 51 -7.29 -6.16 25.14
CA LEU A 51 -8.01 -7.42 25.20
C LEU A 51 -8.44 -7.77 26.62
N LEU A 52 -9.67 -8.25 26.75
CA LEU A 52 -10.21 -8.68 28.02
C LEU A 52 -10.51 -10.18 27.88
N ILE A 53 -11.41 -10.50 26.96
CA ILE A 53 -11.85 -11.87 26.73
C ILE A 53 -11.65 -12.32 25.28
N TYR A 54 -11.29 -13.58 25.08
CA TYR A 54 -11.14 -14.14 23.74
C TYR A 54 -11.90 -15.48 23.69
N LYS A 55 -12.35 -15.84 22.50
CA LYS A 55 -13.13 -17.06 22.26
C LYS A 55 -14.29 -17.18 23.24
N VAL A 56 -15.11 -16.13 23.29
CA VAL A 56 -16.30 -16.08 24.14
C VAL A 56 -16.04 -15.92 25.65
N SER A 57 -15.50 -16.97 26.27
CA SER A 57 -15.32 -16.97 27.71
C SER A 57 -13.93 -16.94 28.35
N ASN A 58 -12.86 -16.95 27.55
CA ASN A 58 -11.50 -16.97 28.09
C ASN A 58 -10.94 -15.62 28.49
N ARG A 59 -10.73 -15.43 29.79
CA ARG A 59 -10.18 -14.16 30.28
C ARG A 59 -8.71 -14.07 29.94
N PHE A 60 -8.34 -12.96 29.30
CA PHE A 60 -6.97 -12.79 28.92
C PHE A 60 -6.06 -12.58 30.12
N SER A 61 -4.96 -13.32 30.14
CA SER A 61 -3.99 -13.22 31.22
C SER A 61 -3.65 -11.76 31.54
N GLY A 62 -3.73 -11.43 32.82
CA GLY A 62 -3.44 -10.07 33.26
C GLY A 62 -4.70 -9.25 33.45
N VAL A 63 -5.84 -9.79 33.01
CA VAL A 63 -7.13 -9.11 33.12
C VAL A 63 -7.77 -9.49 34.47
N PRO A 64 -8.34 -8.50 35.18
CA PRO A 64 -8.99 -8.72 36.48
C PRO A 64 -10.08 -9.76 36.50
N ASP A 65 -10.12 -10.53 37.59
CA ASP A 65 -11.09 -11.59 37.78
C ASP A 65 -12.55 -11.16 37.74
N ARG A 66 -12.78 -9.85 37.77
CA ARG A 66 -14.16 -9.35 37.73
C ARG A 66 -14.76 -9.31 36.33
N PHE A 67 -13.93 -9.55 35.31
CA PHE A 67 -14.40 -9.58 33.93
C PHE A 67 -14.57 -11.02 33.50
N SER A 68 -15.63 -11.30 32.77
CA SER A 68 -15.88 -12.66 32.30
C SER A 68 -16.80 -12.59 31.08
N GLY A 69 -16.61 -13.52 30.15
CA GLY A 69 -17.43 -13.55 28.95
C GLY A 69 -18.28 -14.82 28.85
N SER A 70 -19.40 -14.71 28.16
CA SER A 70 -20.29 -15.85 27.99
C SER A 70 -21.16 -15.63 26.75
N GLY A 71 -21.98 -16.61 26.42
CA GLY A 71 -22.82 -16.47 25.26
C GLY A 71 -22.81 -17.70 24.39
N SER A 72 -23.70 -17.69 23.40
CA SER A 72 -23.85 -18.79 22.48
C SER A 72 -24.85 -18.40 21.40
N GLY A 73 -24.69 -18.98 20.22
CA GLY A 73 -25.60 -18.69 19.11
C GLY A 73 -25.38 -17.34 18.46
N THR A 74 -26.18 -16.36 18.88
CA THR A 74 -26.09 -15.01 18.34
C THR A 74 -26.02 -14.04 19.51
N ASP A 75 -26.09 -14.59 20.73
CA ASP A 75 -26.09 -13.78 21.94
C ASP A 75 -24.84 -13.94 22.80
N PHE A 76 -24.17 -12.81 23.02
CA PHE A 76 -22.95 -12.81 23.81
C PHE A 76 -22.95 -11.75 24.92
N THR A 77 -22.28 -12.06 26.03
CA THR A 77 -22.28 -11.14 27.16
C THR A 77 -20.97 -10.93 27.94
N LEU A 78 -20.67 -9.67 28.19
CA LEU A 78 -19.49 -9.33 28.97
C LEU A 78 -20.02 -8.97 30.36
N LYS A 79 -19.38 -9.55 31.38
CA LYS A 79 -19.77 -9.34 32.75
C LYS A 79 -18.65 -8.71 33.59
N ILE A 80 -19.04 -7.81 34.47
CA ILE A 80 -18.12 -7.15 35.40
C ILE A 80 -18.85 -7.29 36.75
N SER A 81 -18.34 -8.17 37.61
CA SER A 81 -18.97 -8.44 38.91
C SER A 81 -19.01 -7.26 39.91
N ARG A 82 -17.99 -6.41 39.90
CA ARG A 82 -17.97 -5.29 40.82
C ARG A 82 -17.23 -4.16 40.11
N VAL A 83 -17.99 -3.24 39.56
CA VAL A 83 -17.42 -2.14 38.81
C VAL A 83 -16.54 -1.22 39.63
N GLU A 84 -15.38 -0.92 39.07
CA GLU A 84 -14.40 -0.03 39.69
C GLU A 84 -14.27 1.20 38.77
N THR A 85 -13.63 2.24 39.30
CA THR A 85 -13.45 3.46 38.53
C THR A 85 -12.61 3.20 37.28
N GLU A 86 -11.68 2.26 37.38
CA GLU A 86 -10.80 1.94 36.27
C GLU A 86 -11.48 1.25 35.09
N ASP A 87 -12.65 0.68 35.34
CA ASP A 87 -13.40 -0.04 34.32
C ASP A 87 -14.16 0.89 33.37
N LEU A 88 -14.30 2.16 33.75
CA LEU A 88 -15.00 3.12 32.91
C LEU A 88 -14.31 3.39 31.58
N GLY A 89 -15.07 3.24 30.51
CA GLY A 89 -14.56 3.45 29.17
C GLY A 89 -15.54 2.80 28.22
N ILE A 90 -15.09 2.49 27.01
CA ILE A 90 -15.98 1.85 26.06
C ILE A 90 -15.55 0.42 25.72
N TYR A 91 -16.50 -0.49 25.84
CA TYR A 91 -16.26 -1.90 25.58
C TYR A 91 -16.77 -2.27 24.19
N TYR A 92 -15.95 -3.01 23.46
CA TYR A 92 -16.29 -3.42 22.10
C TYR A 92 -16.30 -4.95 21.98
N CYS A 93 -17.29 -5.48 21.27
CA CYS A 93 -17.28 -6.91 21.04
C CYS A 93 -16.80 -7.02 19.60
N PHE A 94 -16.31 -8.21 19.26
CA PHE A 94 -15.77 -8.45 17.93
C PHE A 94 -15.95 -9.92 17.56
N GLN A 95 -16.17 -10.20 16.29
CA GLN A 95 -16.31 -11.57 15.82
C GLN A 95 -15.31 -11.79 14.68
N GLY A 96 -14.55 -12.88 14.78
CA GLY A 96 -13.56 -13.19 13.78
C GLY A 96 -13.73 -14.63 13.31
N SER A 97 -14.96 -15.14 13.40
CA SER A 97 -15.25 -16.51 12.97
C SER A 97 -15.63 -16.56 11.49
N HIS A 98 -15.98 -15.41 10.93
CA HIS A 98 -16.35 -15.32 9.52
C HIS A 98 -15.79 -14.03 8.94
N PHE A 99 -15.48 -14.04 7.66
CA PHE A 99 -14.98 -12.85 7.00
C PHE A 99 -16.15 -12.18 6.30
N PRO A 100 -16.19 -10.83 6.33
CA PRO A 100 -15.21 -9.97 6.97
C PRO A 100 -15.34 -9.97 8.50
N LEU A 101 -14.24 -9.69 9.18
CA LEU A 101 -14.20 -9.64 10.63
C LEU A 101 -15.02 -8.41 11.02
N ALA A 102 -15.82 -8.52 12.09
CA ALA A 102 -16.66 -7.39 12.47
C ALA A 102 -16.66 -7.01 13.94
N PHE A 103 -16.66 -5.70 14.15
CA PHE A 103 -16.70 -5.08 15.46
C PHE A 103 -18.13 -4.65 15.80
N GLY A 104 -18.41 -4.52 17.10
CA GLY A 104 -19.71 -4.04 17.53
C GLY A 104 -19.49 -2.54 17.67
N ALA A 105 -20.56 -1.77 17.83
CA ALA A 105 -20.45 -0.31 17.96
C ALA A 105 -19.83 0.16 19.27
N GLY A 106 -19.79 -0.72 20.26
CA GLY A 106 -19.23 -0.34 21.55
C GLY A 106 -20.29 0.08 22.55
N THR A 107 -19.98 -0.10 23.83
CA THR A 107 -20.89 0.31 24.89
C THR A 107 -20.06 1.14 25.84
N LYS A 108 -20.50 2.36 26.11
CA LYS A 108 -19.77 3.21 27.03
C LYS A 108 -20.20 3.00 28.46
N LEU A 109 -19.23 2.65 29.30
CA LEU A 109 -19.48 2.46 30.70
C LEU A 109 -19.33 3.85 31.32
N GLU A 110 -20.43 4.43 31.75
CA GLU A 110 -20.38 5.76 32.37
C GLU A 110 -20.95 5.75 33.77
N LEU A 111 -20.65 6.81 34.52
CA LEU A 111 -21.10 6.92 35.92
C LEU A 111 -22.47 7.55 36.13
N LYS A 112 -23.18 6.99 37.10
CA LYS A 112 -24.50 7.48 37.46
C LYS A 112 -24.35 8.60 38.51
N ARG A 113 -25.37 9.44 38.60
CA ARG A 113 -25.40 10.56 39.54
C ARG A 113 -26.78 11.19 39.46
N ALA A 114 -27.06 12.11 40.37
CA ALA A 114 -28.35 12.78 40.42
C ALA A 114 -28.61 13.58 39.16
N ASP A 115 -29.88 13.65 38.77
CA ASP A 115 -30.29 14.42 37.60
C ASP A 115 -29.82 15.85 37.73
N ALA A 116 -29.57 16.48 36.57
CA ALA A 116 -29.09 17.85 36.54
C ALA A 116 -29.66 18.66 35.37
N ALA A 117 -30.48 19.65 35.67
CA ALA A 117 -31.04 20.47 34.61
C ALA A 117 -29.87 21.27 34.05
N PRO A 118 -29.81 21.45 32.73
CA PRO A 118 -28.70 22.20 32.13
C PRO A 118 -28.80 23.71 32.31
N THR A 119 -27.65 24.37 32.37
CA THR A 119 -27.63 25.82 32.46
C THR A 119 -27.47 26.19 30.98
N VAL A 120 -28.43 26.95 30.46
CA VAL A 120 -28.46 27.35 29.06
C VAL A 120 -28.00 28.79 28.87
N SER A 121 -27.05 28.99 27.97
CA SER A 121 -26.53 30.33 27.70
C SER A 121 -26.51 30.62 26.21
N ILE A 122 -27.08 31.74 25.81
CA ILE A 122 -27.11 32.11 24.41
C ILE A 122 -26.21 33.34 24.15
N PHE A 123 -25.45 33.28 23.05
CA PHE A 123 -24.54 34.36 22.71
C PHE A 123 -24.67 34.88 21.29
N PRO A 124 -25.10 36.16 21.13
CA PRO A 124 -25.27 36.80 19.83
C PRO A 124 -23.91 36.97 19.17
N PRO A 125 -23.87 37.12 17.84
CA PRO A 125 -22.58 37.29 17.14
C PRO A 125 -21.72 38.39 17.76
N SER A 126 -20.39 38.22 17.69
CA SER A 126 -19.50 39.24 18.23
C SER A 126 -19.38 40.31 17.16
N SER A 127 -19.06 41.53 17.58
CA SER A 127 -18.92 42.64 16.64
C SER A 127 -17.77 42.44 15.66
N GLU A 128 -16.77 41.67 16.08
CA GLU A 128 -15.61 41.41 15.24
C GLU A 128 -15.95 40.50 14.08
N GLN A 129 -16.77 39.49 14.36
CA GLN A 129 -17.20 38.57 13.31
C GLN A 129 -18.15 39.36 12.42
N LEU A 130 -19.06 40.09 13.04
CA LEU A 130 -20.01 40.89 12.28
C LEU A 130 -19.21 41.78 11.33
N THR A 131 -18.20 42.43 11.89
CA THR A 131 -17.34 43.33 11.14
C THR A 131 -16.68 42.58 9.98
N SER A 132 -16.31 41.33 10.22
CA SER A 132 -15.70 40.51 9.17
C SER A 132 -16.78 39.95 8.23
N GLY A 133 -18.05 40.27 8.53
CA GLY A 133 -19.15 39.82 7.71
C GLY A 133 -19.78 38.50 8.09
N GLY A 134 -19.56 38.05 9.32
CA GLY A 134 -20.14 36.78 9.74
C GLY A 134 -21.07 36.93 10.92
N ALA A 135 -21.81 35.87 11.24
CA ALA A 135 -22.73 35.89 12.36
C ALA A 135 -22.98 34.50 12.92
N SER A 136 -22.35 34.18 14.05
CA SER A 136 -22.51 32.89 14.70
C SER A 136 -23.28 33.09 16.00
N VAL A 137 -24.36 32.32 16.16
CA VAL A 137 -25.17 32.41 17.38
C VAL A 137 -24.87 31.13 18.14
N VAL A 138 -24.15 31.26 19.24
CA VAL A 138 -23.79 30.10 20.02
C VAL A 138 -24.70 29.95 21.25
N CYS A 139 -24.85 28.70 21.68
CA CYS A 139 -25.68 28.40 22.83
C CYS A 139 -25.04 27.24 23.58
N PHE A 140 -24.86 27.39 24.89
CA PHE A 140 -24.28 26.34 25.73
C PHE A 140 -25.33 25.80 26.71
N LEU A 141 -25.44 24.47 26.77
CA LEU A 141 -26.36 23.78 27.68
C LEU A 141 -25.38 22.99 28.53
N ASN A 142 -25.02 23.55 29.69
CA ASN A 142 -24.02 22.96 30.57
C ASN A 142 -24.43 22.22 31.83
N ASN A 143 -23.56 21.29 32.19
CA ASN A 143 -23.69 20.43 33.37
C ASN A 143 -25.07 19.83 33.62
N PHE A 144 -25.55 19.04 32.66
CA PHE A 144 -26.82 18.38 32.81
C PHE A 144 -26.63 16.87 32.91
N TYR A 145 -27.64 16.20 33.44
CA TYR A 145 -27.61 14.78 33.59
C TYR A 145 -29.06 14.31 33.68
N PRO A 146 -29.41 13.22 32.97
CA PRO A 146 -28.58 12.38 32.08
C PRO A 146 -28.09 13.11 30.83
N LYS A 147 -27.25 12.44 30.04
CA LYS A 147 -26.66 13.00 28.81
C LYS A 147 -27.65 13.28 27.68
N ASP A 148 -28.80 12.60 27.71
CA ASP A 148 -29.84 12.74 26.69
C ASP A 148 -30.39 14.18 26.67
N ILE A 149 -30.29 14.86 25.54
CA ILE A 149 -30.80 16.22 25.45
C ILE A 149 -31.12 16.67 24.03
N ASN A 150 -32.09 17.57 23.91
CA ASN A 150 -32.51 18.12 22.63
C ASN A 150 -32.46 19.65 22.64
N VAL A 151 -31.85 20.20 21.60
CA VAL A 151 -31.74 21.65 21.49
C VAL A 151 -32.46 22.09 20.22
N LYS A 152 -33.28 23.13 20.34
CA LYS A 152 -34.05 23.63 19.20
C LYS A 152 -33.87 25.14 19.06
N TRP A 153 -33.67 25.59 17.83
CA TRP A 153 -33.51 27.00 17.55
C TRP A 153 -34.76 27.58 16.91
N LYS A 154 -35.08 28.82 17.28
CA LYS A 154 -36.23 29.54 16.74
C LYS A 154 -35.80 30.97 16.40
N ILE A 155 -35.75 31.28 15.11
CA ILE A 155 -35.37 32.61 14.64
C ILE A 155 -36.61 33.40 14.24
N ASP A 156 -36.91 34.42 15.05
CA ASP A 156 -38.08 35.27 14.85
C ASP A 156 -39.35 34.43 15.07
N GLY A 157 -39.27 33.52 16.04
CA GLY A 157 -40.40 32.65 16.38
C GLY A 157 -40.44 31.30 15.67
N SER A 158 -39.82 31.23 14.49
CA SER A 158 -39.82 30.01 13.69
C SER A 158 -38.58 29.12 13.88
N GLU A 159 -38.83 27.81 13.97
CA GLU A 159 -37.77 26.84 14.16
C GLU A 159 -36.74 26.80 13.03
N ARG A 160 -35.47 26.74 13.42
CA ARG A 160 -34.38 26.68 12.47
C ARG A 160 -33.60 25.37 12.63
N GLN A 161 -33.93 24.37 11.80
CA GLN A 161 -33.30 23.05 11.85
C GLN A 161 -32.04 22.98 10.96
N ASN A 162 -31.98 23.87 9.99
CA ASN A 162 -30.86 23.92 9.06
C ASN A 162 -29.71 24.84 9.52
N GLY A 163 -28.48 24.38 9.30
CA GLY A 163 -27.29 25.15 9.65
C GLY A 163 -26.87 25.18 11.10
N VAL A 164 -27.09 24.08 11.81
CA VAL A 164 -26.76 23.97 13.22
C VAL A 164 -25.64 22.96 13.49
N LEU A 165 -24.59 23.41 14.18
CA LEU A 165 -23.47 22.54 14.52
C LEU A 165 -23.44 22.32 16.02
N ASN A 166 -23.52 21.05 16.43
CA ASN A 166 -23.53 20.69 17.84
C ASN A 166 -22.31 19.86 18.24
N SER A 167 -21.83 20.09 19.46
CA SER A 167 -20.71 19.33 20.00
C SER A 167 -21.01 18.96 21.45
N TRP A 168 -20.54 17.79 21.86
CA TRP A 168 -20.79 17.33 23.21
C TRP A 168 -19.48 17.01 23.89
N THR A 169 -19.46 17.25 25.19
CA THR A 169 -18.29 16.96 25.99
C THR A 169 -18.50 15.55 26.53
N ASP A 170 -17.44 14.94 27.04
CA ASP A 170 -17.55 13.62 27.64
C ASP A 170 -18.02 13.94 29.04
N GLN A 171 -18.51 12.92 29.74
CA GLN A 171 -18.97 13.11 31.11
C GLN A 171 -17.87 13.79 31.91
N ASP A 172 -18.25 14.76 32.75
CA ASP A 172 -17.27 15.47 33.56
C ASP A 172 -16.68 14.55 34.63
N SER A 173 -15.36 14.57 34.76
CA SER A 173 -14.66 13.75 35.73
C SER A 173 -14.87 14.20 37.16
N LYS A 174 -15.25 15.48 37.31
CA LYS A 174 -15.45 16.05 38.65
C LYS A 174 -16.92 15.97 39.10
N ASP A 175 -17.86 16.46 38.29
CA ASP A 175 -19.27 16.38 38.68
C ASP A 175 -20.11 15.37 37.90
N SER A 176 -19.46 14.56 37.08
CA SER A 176 -20.15 13.52 36.30
C SER A 176 -21.32 13.99 35.41
N THR A 177 -21.38 15.28 35.14
CA THR A 177 -22.45 15.78 34.28
C THR A 177 -21.98 15.84 32.84
N TYR A 178 -22.85 16.34 31.97
CA TYR A 178 -22.55 16.48 30.55
C TYR A 178 -22.87 17.89 30.11
N SER A 179 -22.20 18.34 29.05
CA SER A 179 -22.40 19.67 28.49
C SER A 179 -22.36 19.59 26.96
N MET A 180 -23.09 20.50 26.31
CA MET A 180 -23.14 20.53 24.87
C MET A 180 -23.18 21.98 24.34
N SER A 181 -22.62 22.18 23.16
CA SER A 181 -22.61 23.50 22.54
C SER A 181 -23.34 23.38 21.22
N SER A 182 -24.12 24.39 20.90
CA SER A 182 -24.87 24.40 19.65
C SER A 182 -24.65 25.75 19.00
N THR A 183 -24.12 25.73 17.79
CA THR A 183 -23.85 26.97 17.10
C THR A 183 -24.60 27.11 15.79
N LEU A 184 -25.42 28.15 15.72
CA LEU A 184 -26.17 28.45 14.52
C LEU A 184 -25.23 29.39 13.77
N THR A 185 -24.84 28.99 12.57
CA THR A 185 -23.96 29.85 11.80
C THR A 185 -24.71 30.47 10.63
N LEU A 186 -24.69 31.80 10.59
CA LEU A 186 -25.37 32.56 9.56
C LEU A 186 -24.40 33.52 8.88
N THR A 187 -24.96 34.46 8.13
CA THR A 187 -24.16 35.46 7.44
C THR A 187 -24.53 36.78 8.12
N LYS A 188 -23.69 37.79 7.97
CA LYS A 188 -23.98 39.09 8.58
C LYS A 188 -25.35 39.61 8.15
N ASP A 189 -25.64 39.54 6.85
CA ASP A 189 -26.91 39.99 6.32
C ASP A 189 -28.08 39.12 6.77
N GLU A 190 -27.88 37.80 6.80
CA GLU A 190 -28.93 36.86 7.20
C GLU A 190 -29.33 37.11 8.64
N TYR A 191 -28.32 37.29 9.49
CA TYR A 191 -28.54 37.57 10.90
C TYR A 191 -29.30 38.88 11.08
N GLU A 192 -28.98 39.87 10.27
CA GLU A 192 -29.68 41.15 10.36
C GLU A 192 -31.06 41.15 9.72
N ARG A 193 -31.45 40.01 9.16
CA ARG A 193 -32.76 39.88 8.55
C ARG A 193 -33.80 39.50 9.59
N HIS A 194 -33.31 39.18 10.79
CA HIS A 194 -34.20 38.79 11.89
C HIS A 194 -33.82 39.53 13.17
N ASN A 195 -34.65 39.43 14.19
CA ASN A 195 -34.40 40.13 15.46
C ASN A 195 -34.36 39.20 16.67
N SER A 196 -35.21 38.17 16.68
CA SER A 196 -35.27 37.23 17.79
C SER A 196 -34.59 35.91 17.47
N TYR A 197 -33.68 35.51 18.36
CA TYR A 197 -32.91 34.28 18.25
C TYR A 197 -33.11 33.56 19.55
N THR A 198 -33.70 32.36 19.47
CA THR A 198 -34.00 31.57 20.66
C THR A 198 -33.39 30.17 20.67
N CYS A 199 -32.88 29.79 21.84
CA CYS A 199 -32.30 28.48 22.02
C CYS A 199 -33.10 27.77 23.10
N GLU A 200 -33.70 26.64 22.73
CA GLU A 200 -34.53 25.85 23.64
C GLU A 200 -33.94 24.49 23.96
N ALA A 201 -33.89 24.16 25.24
CA ALA A 201 -33.35 22.89 25.66
C ALA A 201 -34.41 21.97 26.28
N THR A 202 -34.51 20.74 25.77
CA THR A 202 -35.45 19.78 26.32
C THR A 202 -34.68 18.68 27.01
N HIS A 203 -34.78 18.65 28.33
CA HIS A 203 -34.09 17.66 29.13
C HIS A 203 -35.18 16.96 29.93
N LYS A 204 -34.95 15.71 30.29
CA LYS A 204 -35.91 14.94 31.06
C LYS A 204 -36.23 15.63 32.40
N THR A 205 -35.64 16.80 32.61
CA THR A 205 -35.85 17.56 33.82
C THR A 205 -36.90 18.67 33.67
N SER A 206 -36.96 19.29 32.49
CA SER A 206 -37.90 20.39 32.29
C SER A 206 -39.12 20.14 31.40
N THR A 207 -39.02 19.22 30.45
CA THR A 207 -40.13 18.94 29.52
C THR A 207 -40.45 20.22 28.76
N SER A 208 -41.11 21.18 29.40
CA SER A 208 -41.37 22.46 28.77
C SER A 208 -39.95 23.02 28.72
N PRO A 209 -39.34 23.01 27.52
CA PRO A 209 -37.98 23.48 27.23
C PRO A 209 -37.45 24.70 27.99
N ILE A 210 -36.16 24.65 28.33
CA ILE A 210 -35.51 25.78 28.98
C ILE A 210 -35.32 26.71 27.79
N VAL A 211 -35.83 27.93 27.91
CA VAL A 211 -35.76 28.90 26.81
C VAL A 211 -34.91 30.13 27.11
N LYS A 212 -33.96 30.38 26.21
CA LYS A 212 -33.08 31.53 26.29
C LYS A 212 -33.06 32.20 24.93
N SER A 213 -33.05 33.52 24.93
CA SER A 213 -33.00 34.27 23.67
C SER A 213 -32.58 35.73 23.83
N PHE A 214 -32.45 36.39 22.69
CA PHE A 214 -32.08 37.81 22.68
C PHE A 214 -32.64 38.46 21.42
N ASN A 215 -32.68 39.79 21.42
CA ASN A 215 -33.17 40.54 20.28
C ASN A 215 -31.99 41.33 19.76
N ARG A 216 -31.77 41.24 18.46
CA ARG A 216 -30.67 41.89 17.79
C ARG A 216 -30.64 43.41 18.02
N ASN A 217 -31.76 43.98 18.44
CA ASN A 217 -31.81 45.41 18.68
C ASN A 217 -31.90 45.78 20.17
N GLU A 218 -32.54 44.93 20.97
CA GLU A 218 -32.71 45.19 22.40
C GLU A 218 -32.26 44.04 23.29
N CYS A 219 -31.28 44.30 24.16
CA CYS A 219 -30.77 43.27 25.08
C CYS A 219 -30.65 41.91 24.40
N GLU B 1 10.20 -7.81 25.42
CA GLU B 1 9.00 -6.95 25.55
C GLU B 1 8.36 -6.62 24.21
N VAL B 2 7.17 -7.18 23.98
CA VAL B 2 6.45 -6.94 22.74
C VAL B 2 6.23 -5.43 22.58
N LYS B 3 6.53 -4.93 21.40
CA LYS B 3 6.35 -3.52 21.14
C LYS B 3 5.94 -3.35 19.68
N LEU B 4 5.00 -2.43 19.44
CA LEU B 4 4.49 -2.12 18.10
C LEU B 4 4.41 -0.61 17.99
N VAL B 5 5.16 -0.04 17.04
CA VAL B 5 5.17 1.41 16.85
C VAL B 5 4.83 1.80 15.42
N GLU B 6 3.67 2.44 15.26
CA GLU B 6 3.19 2.87 13.95
C GLU B 6 3.69 4.25 13.53
N SER B 7 4.11 4.36 12.27
CA SER B 7 4.61 5.63 11.74
C SER B 7 4.02 5.85 10.34
N GLY B 8 4.18 7.06 9.81
CA GLY B 8 3.68 7.32 8.46
C GLY B 8 2.37 8.10 8.39
N GLY B 9 1.58 8.05 9.47
CA GLY B 9 0.33 8.77 9.48
C GLY B 9 0.58 10.24 9.20
N GLY B 10 -0.43 10.91 8.66
CA GLY B 10 -0.29 12.32 8.32
C GLY B 10 -1.41 12.79 7.43
N LEU B 11 -1.32 14.04 6.98
CA LEU B 11 -2.33 14.63 6.11
C LEU B 11 -2.15 14.17 4.67
N VAL B 12 -3.25 13.84 4.02
CA VAL B 12 -3.24 13.37 2.65
C VAL B 12 -4.49 13.81 1.91
N LYS B 13 -4.30 14.32 0.71
CA LYS B 13 -5.40 14.77 -0.14
C LYS B 13 -6.18 13.55 -0.64
N PRO B 14 -7.49 13.70 -0.86
CA PRO B 14 -8.30 12.57 -1.34
C PRO B 14 -7.68 11.93 -2.59
N GLY B 15 -7.86 10.63 -2.74
CA GLY B 15 -7.31 9.91 -3.88
C GLY B 15 -5.80 9.71 -3.75
N GLY B 16 -5.20 10.45 -2.82
CA GLY B 16 -3.77 10.36 -2.59
C GLY B 16 -3.29 9.05 -2.03
N SER B 17 -1.96 8.91 -1.94
CA SER B 17 -1.33 7.70 -1.42
C SER B 17 -0.55 7.98 -0.16
N LEU B 18 -0.38 6.95 0.65
CA LEU B 18 0.35 7.06 1.90
C LEU B 18 0.80 5.67 2.33
N LYS B 19 2.02 5.57 2.88
CA LYS B 19 2.50 4.29 3.37
C LYS B 19 2.69 4.35 4.89
N LEU B 20 2.04 3.44 5.61
CA LEU B 20 2.18 3.39 7.06
C LEU B 20 3.16 2.27 7.39
N SER B 21 3.90 2.46 8.47
CA SER B 21 4.88 1.49 8.90
C SER B 21 4.67 1.14 10.35
N CYS B 22 5.08 -0.05 10.71
CA CYS B 22 4.94 -0.53 12.06
C CYS B 22 6.16 -1.38 12.41
N ALA B 23 7.01 -0.84 13.27
CA ALA B 23 8.21 -1.56 13.72
C ALA B 23 7.84 -2.40 14.95
N ALA B 24 7.98 -3.72 14.82
CA ALA B 24 7.66 -4.64 15.90
C ALA B 24 8.91 -5.03 16.71
N SER B 25 8.70 -5.54 17.93
CA SER B 25 9.80 -5.95 18.80
C SER B 25 9.33 -6.99 19.83
N GLY B 26 10.24 -7.87 20.25
CA GLY B 26 9.87 -8.88 21.23
C GLY B 26 9.30 -10.17 20.65
N PHE B 27 9.10 -10.19 19.34
CA PHE B 27 8.56 -11.38 18.68
C PHE B 27 8.91 -11.37 17.17
N SER B 28 8.57 -12.45 16.49
CA SER B 28 8.83 -12.57 15.06
C SER B 28 7.54 -12.72 14.27
N PHE B 29 7.51 -12.12 13.07
CA PHE B 29 6.36 -12.16 12.17
C PHE B 29 6.08 -13.55 11.59
N ARG B 30 7.06 -14.43 11.69
CA ARG B 30 6.92 -15.80 11.19
C ARG B 30 6.12 -16.60 12.20
N ASN B 31 5.99 -16.06 13.41
CA ASN B 31 5.28 -16.75 14.47
C ASN B 31 3.94 -16.15 14.87
N TYR B 32 3.61 -15.00 14.30
CA TYR B 32 2.35 -14.34 14.63
C TYR B 32 1.64 -13.71 13.44
N GLY B 33 0.32 -13.58 13.55
CA GLY B 33 -0.48 -12.95 12.51
C GLY B 33 -0.58 -11.46 12.82
N MET B 34 -0.38 -10.61 11.83
CA MET B 34 -0.43 -9.16 12.04
C MET B 34 -1.65 -8.54 11.35
N SER B 35 -2.19 -7.48 11.95
CA SER B 35 -3.37 -6.82 11.39
C SER B 35 -3.32 -5.31 11.54
N TRP B 36 -4.22 -4.65 10.82
CA TRP B 36 -4.37 -3.20 10.88
C TRP B 36 -5.85 -2.98 11.19
N VAL B 37 -6.10 -2.20 12.22
CA VAL B 37 -7.46 -1.86 12.63
C VAL B 37 -7.43 -0.37 12.86
N ARG B 38 -8.48 0.31 12.41
CA ARG B 38 -8.53 1.75 12.54
C ARG B 38 -9.70 2.21 13.38
N GLN B 39 -9.55 3.36 14.04
CA GLN B 39 -10.64 3.91 14.82
C GLN B 39 -11.00 5.25 14.17
N THR B 40 -12.23 5.35 13.71
CA THR B 40 -12.72 6.54 13.06
C THR B 40 -13.03 7.66 14.07
N PRO B 41 -13.13 8.91 13.59
CA PRO B 41 -13.43 10.06 14.45
C PRO B 41 -14.62 9.76 15.36
N GLU B 42 -15.57 8.98 14.83
CA GLU B 42 -16.78 8.60 15.55
C GLU B 42 -16.47 7.53 16.60
N LYS B 43 -15.22 7.07 16.64
CA LYS B 43 -14.75 6.04 17.56
C LYS B 43 -15.19 4.64 17.17
N ARG B 44 -15.49 4.44 15.90
CA ARG B 44 -15.90 3.15 15.39
C ARG B 44 -14.67 2.34 15.00
N LEU B 45 -14.59 1.08 15.43
CA LEU B 45 -13.44 0.25 15.09
C LEU B 45 -13.70 -0.52 13.79
N GLU B 46 -12.71 -0.48 12.90
CA GLU B 46 -12.81 -1.15 11.62
C GLU B 46 -11.55 -1.92 11.29
N TRP B 47 -11.74 -3.16 10.89
CA TRP B 47 -10.64 -4.03 10.47
C TRP B 47 -10.23 -3.55 9.07
N VAL B 48 -8.93 -3.36 8.88
CA VAL B 48 -8.43 -2.91 7.59
C VAL B 48 -7.86 -4.09 6.81
N ALA B 49 -6.94 -4.82 7.43
CA ALA B 49 -6.31 -5.96 6.78
C ALA B 49 -5.43 -6.75 7.73
N SER B 50 -5.15 -8.00 7.34
CA SER B 50 -4.28 -8.84 8.14
C SER B 50 -3.45 -9.80 7.28
N ILE B 51 -2.30 -10.20 7.83
CA ILE B 51 -1.39 -11.12 7.13
C ILE B 51 -0.95 -12.15 8.17
N SER B 52 -1.20 -13.42 7.88
CA SER B 52 -0.87 -14.52 8.78
C SER B 52 0.63 -14.83 8.86
N TYR B 53 0.99 -15.49 9.95
CA TYR B 53 2.36 -15.91 10.26
C TYR B 53 2.96 -16.60 9.04
N GLY B 54 2.08 -17.10 8.18
CA GLY B 54 2.53 -17.81 6.98
C GLY B 54 2.47 -16.97 5.72
N GLY B 55 2.00 -15.74 5.81
CA GLY B 55 1.95 -14.90 4.63
C GLY B 55 0.60 -14.66 4.01
N LEU B 56 -0.40 -15.47 4.34
CA LEU B 56 -1.75 -15.30 3.78
C LEU B 56 -2.31 -13.92 4.14
N ILE B 57 -2.97 -13.29 3.17
CA ILE B 57 -3.51 -11.94 3.33
C ILE B 57 -5.03 -11.84 3.23
N TYR B 58 -5.63 -11.05 4.12
CA TYR B 58 -7.08 -10.86 4.14
C TYR B 58 -7.45 -9.40 4.22
N TYR B 59 -8.50 -9.03 3.49
CA TYR B 59 -9.02 -7.66 3.43
C TYR B 59 -10.53 -7.70 3.34
N PRO B 60 -11.20 -6.64 3.81
CA PRO B 60 -12.66 -6.60 3.72
C PRO B 60 -12.87 -5.99 2.30
N ASP B 61 -14.01 -6.19 1.67
CA ASP B 61 -14.23 -5.64 0.32
C ASP B 61 -14.10 -4.11 0.25
N SER B 62 -14.22 -3.44 1.40
CA SER B 62 -14.12 -1.98 1.44
C SER B 62 -12.69 -1.48 1.26
N ILE B 63 -11.73 -2.27 1.73
CA ILE B 63 -10.32 -1.93 1.66
C ILE B 63 -9.64 -2.67 0.50
N LYS B 64 -10.18 -3.82 0.13
CA LYS B 64 -9.63 -4.63 -0.95
C LYS B 64 -9.43 -3.81 -2.22
N GLY B 65 -8.22 -3.84 -2.78
CA GLY B 65 -7.96 -3.09 -3.99
C GLY B 65 -7.29 -1.75 -3.76
N ARG B 66 -7.69 -1.07 -2.68
CA ARG B 66 -7.15 0.24 -2.33
C ARG B 66 -5.96 0.18 -1.38
N PHE B 67 -6.07 -0.70 -0.37
CA PHE B 67 -5.01 -0.86 0.63
C PHE B 67 -4.24 -2.16 0.41
N THR B 68 -2.95 -2.14 0.72
CA THR B 68 -2.10 -3.32 0.57
C THR B 68 -1.21 -3.54 1.78
N ILE B 69 -1.37 -4.68 2.44
CA ILE B 69 -0.55 -5.02 3.59
C ILE B 69 0.59 -5.91 3.14
N SER B 70 1.74 -5.73 3.76
CA SER B 70 2.92 -6.52 3.45
C SER B 70 3.76 -6.46 4.72
N ARG B 71 4.84 -7.23 4.77
CA ARG B 71 5.69 -7.26 5.94
C ARG B 71 7.15 -7.56 5.57
N ASP B 72 8.05 -7.01 6.36
CA ASP B 72 9.47 -7.24 6.20
C ASP B 72 9.80 -8.11 7.41
N ILE B 73 9.81 -9.43 7.20
CA ILE B 73 10.08 -10.38 8.27
C ILE B 73 11.45 -10.17 8.90
N ALA B 74 12.46 -9.93 8.06
CA ALA B 74 13.82 -9.73 8.54
C ALA B 74 13.96 -8.51 9.45
N GLN B 75 13.46 -7.37 8.99
CA GLN B 75 13.54 -6.13 9.78
C GLN B 75 12.39 -6.01 10.75
N ASN B 76 11.48 -6.98 10.70
CA ASN B 76 10.27 -7.02 11.52
C ASN B 76 9.49 -5.71 11.44
N ILE B 77 9.08 -5.36 10.23
CA ILE B 77 8.30 -4.14 9.98
C ILE B 77 7.05 -4.47 9.17
N LEU B 78 5.88 -4.10 9.70
CA LEU B 78 4.62 -4.36 9.01
C LEU B 78 4.28 -3.10 8.21
N TYR B 79 3.73 -3.27 7.02
CA TYR B 79 3.38 -2.11 6.18
C TYR B 79 1.92 -2.06 5.72
N LEU B 80 1.45 -0.84 5.45
CA LEU B 80 0.10 -0.61 4.92
C LEU B 80 0.13 0.50 3.86
N GLN B 81 0.03 0.08 2.60
CA GLN B 81 0.01 0.98 1.47
C GLN B 81 -1.44 1.41 1.25
N MET B 82 -1.66 2.71 1.33
CA MET B 82 -2.99 3.29 1.17
C MET B 82 -3.08 4.14 -0.08
N SER B 83 -4.13 3.91 -0.86
CA SER B 83 -4.36 4.64 -2.09
C SER B 83 -5.87 4.79 -2.27
N SER B 84 -6.29 5.59 -3.25
CA SER B 84 -7.72 5.81 -3.48
C SER B 84 -8.34 6.32 -2.16
N LEU B 85 -7.58 7.14 -1.44
CA LEU B 85 -8.00 7.67 -0.14
C LEU B 85 -9.15 8.65 -0.14
N ARG B 86 -10.12 8.37 0.73
CA ARG B 86 -11.29 9.21 0.92
C ARG B 86 -11.36 9.68 2.38
N SER B 87 -12.17 10.71 2.63
CA SER B 87 -12.31 11.27 3.98
C SER B 87 -12.72 10.24 5.02
N GLU B 88 -13.46 9.21 4.60
CA GLU B 88 -13.89 8.14 5.50
C GLU B 88 -12.71 7.29 5.95
N ASP B 89 -11.60 7.44 5.25
CA ASP B 89 -10.39 6.70 5.56
C ASP B 89 -9.62 7.43 6.66
N THR B 90 -10.16 8.57 7.09
CA THR B 90 -9.57 9.37 8.16
C THR B 90 -9.77 8.63 9.46
N ALA B 91 -8.67 8.20 10.06
CA ALA B 91 -8.74 7.47 11.32
C ALA B 91 -7.35 7.26 11.89
N MET B 92 -7.33 6.68 13.09
CA MET B 92 -6.12 6.35 13.79
C MET B 92 -5.87 4.90 13.38
N TYR B 93 -4.68 4.61 12.85
CA TYR B 93 -4.36 3.26 12.43
C TYR B 93 -3.41 2.52 13.39
N HIS B 94 -3.81 1.31 13.79
CA HIS B 94 -3.03 0.50 14.71
C HIS B 94 -2.63 -0.84 14.07
N CYS B 95 -1.38 -1.25 14.27
CA CYS B 95 -0.99 -2.57 13.82
C CYS B 95 -1.25 -3.38 15.07
N ILE B 96 -1.55 -4.66 14.90
CA ILE B 96 -1.91 -5.49 16.01
C ILE B 96 -1.30 -6.85 15.77
N ARG B 97 -0.83 -7.47 16.85
CA ARG B 97 -0.25 -8.80 16.81
C ARG B 97 -1.25 -9.74 17.46
N GLY B 98 -1.68 -10.77 16.74
CA GLY B 98 -2.63 -11.69 17.31
C GLY B 98 -2.04 -13.08 17.39
N ASP B 99 -2.78 -13.98 18.02
CA ASP B 99 -2.37 -15.36 18.17
C ASP B 99 -3.19 -16.26 17.21
N SER B 100 -2.49 -16.87 16.25
CA SER B 100 -3.08 -17.73 15.24
C SER B 100 -4.16 -18.68 15.75
N PHE B 101 -5.36 -18.52 15.20
CA PHE B 101 -6.52 -19.32 15.57
C PHE B 101 -6.77 -19.34 17.06
N LEU B 102 -6.45 -18.22 17.72
CA LEU B 102 -6.63 -18.09 19.16
C LEU B 102 -7.28 -16.75 19.53
N VAL B 103 -6.63 -15.65 19.13
CA VAL B 103 -7.10 -14.27 19.38
C VAL B 103 -6.65 -13.38 18.21
N TRP B 104 -7.59 -12.65 17.60
CA TRP B 104 -7.23 -11.79 16.47
C TRP B 104 -6.35 -10.59 16.83
N PHE B 105 -6.80 -9.79 17.77
CA PHE B 105 -6.08 -8.58 18.16
C PHE B 105 -5.60 -8.58 19.61
N THR B 106 -4.69 -9.49 19.93
CA THR B 106 -4.16 -9.62 21.28
C THR B 106 -3.42 -8.37 21.80
N PHE B 107 -2.58 -7.79 20.95
CA PHE B 107 -1.79 -6.61 21.32
C PHE B 107 -1.80 -5.50 20.27
N TRP B 108 -2.27 -4.33 20.69
CA TRP B 108 -2.38 -3.16 19.82
C TRP B 108 -1.28 -2.11 20.02
N GLY B 109 -0.92 -1.46 18.92
CA GLY B 109 0.05 -0.38 18.99
C GLY B 109 -0.78 0.84 19.36
N GLN B 110 -0.12 1.96 19.67
CA GLN B 110 -0.81 3.20 20.06
C GLN B 110 -1.48 3.86 18.84
N GLY B 111 -0.97 3.51 17.66
CA GLY B 111 -1.51 4.03 16.40
C GLY B 111 -0.88 5.27 15.78
N THR B 112 -1.14 5.46 14.49
CA THR B 112 -0.68 6.62 13.74
C THR B 112 -1.90 7.23 13.05
N LEU B 113 -2.08 8.53 13.20
CA LEU B 113 -3.22 9.23 12.65
C LEU B 113 -3.14 9.60 11.17
N VAL B 114 -4.11 9.14 10.40
CA VAL B 114 -4.19 9.45 8.97
C VAL B 114 -5.38 10.39 8.74
N THR B 115 -5.12 11.54 8.15
CA THR B 115 -6.18 12.50 7.90
C THR B 115 -6.30 12.87 6.42
N VAL B 116 -7.37 12.36 5.80
CA VAL B 116 -7.62 12.63 4.41
C VAL B 116 -8.45 13.89 4.29
N SER B 117 -7.88 14.90 3.61
CA SER B 117 -8.57 16.16 3.43
C SER B 117 -7.95 17.05 2.36
N ALA B 118 -8.80 17.85 1.74
CA ALA B 118 -8.39 18.79 0.70
C ALA B 118 -8.01 20.13 1.33
N ALA B 119 -8.50 20.36 2.55
CA ALA B 119 -8.23 21.59 3.28
C ALA B 119 -6.75 21.97 3.34
N LYS B 120 -6.51 23.26 3.47
CA LYS B 120 -5.15 23.81 3.56
C LYS B 120 -4.99 24.50 4.90
N THR B 121 -3.77 24.55 5.43
CA THR B 121 -3.51 25.19 6.72
C THR B 121 -4.24 26.53 6.79
N THR B 122 -5.20 26.63 7.70
CA THR B 122 -5.98 27.86 7.88
C THR B 122 -5.96 28.24 9.36
N ALA B 123 -5.53 29.46 9.64
CA ALA B 123 -5.49 29.94 11.01
C ALA B 123 -6.95 30.09 11.46
N PRO B 124 -7.22 29.95 12.77
CA PRO B 124 -8.58 30.08 13.30
C PRO B 124 -9.08 31.51 13.51
N SER B 125 -10.40 31.67 13.51
CA SER B 125 -11.01 32.97 13.75
C SER B 125 -11.44 32.87 15.21
N VAL B 126 -10.86 33.67 16.08
CA VAL B 126 -11.20 33.61 17.50
C VAL B 126 -12.07 34.81 17.92
N TYR B 127 -13.30 34.52 18.34
CA TYR B 127 -14.24 35.55 18.73
C TYR B 127 -14.62 35.42 20.20
N PRO B 128 -14.74 36.57 20.91
CA PRO B 128 -15.11 36.62 22.33
C PRO B 128 -16.63 36.55 22.48
N LEU B 129 -17.12 35.58 23.27
CA LEU B 129 -18.56 35.44 23.47
C LEU B 129 -19.04 36.01 24.79
N ALA B 130 -19.53 37.25 24.73
CA ALA B 130 -20.07 37.92 25.90
C ALA B 130 -21.58 37.63 26.00
N PRO B 131 -22.10 37.55 27.24
CA PRO B 131 -23.52 37.28 27.54
C PRO B 131 -24.50 38.37 27.13
N VAL B 132 -25.77 38.00 26.96
CA VAL B 132 -26.83 38.96 26.62
C VAL B 132 -27.30 39.54 27.96
N CYS B 133 -27.71 40.80 27.98
CA CYS B 133 -28.16 41.44 29.22
C CYS B 133 -29.12 40.61 30.10
N GLY B 134 -29.82 39.66 29.50
CA GLY B 134 -30.75 38.83 30.24
C GLY B 134 -30.12 37.75 31.09
N ASP B 135 -29.04 37.13 30.59
CA ASP B 135 -28.36 36.05 31.31
C ASP B 135 -27.51 36.54 32.49
N THR B 136 -27.11 37.82 32.47
CA THR B 136 -26.25 38.41 33.51
C THR B 136 -26.94 38.90 34.80
N THR B 137 -28.16 38.44 35.06
CA THR B 137 -28.88 38.87 36.25
C THR B 137 -28.82 37.85 37.40
N GLY B 138 -27.76 37.04 37.44
CA GLY B 138 -27.63 36.04 38.49
C GLY B 138 -26.35 36.14 39.31
N SER B 139 -26.05 35.09 40.08
CA SER B 139 -24.84 35.08 40.91
C SER B 139 -23.62 34.60 40.12
N SER B 140 -23.86 33.89 39.03
CA SER B 140 -22.78 33.41 38.17
C SER B 140 -22.99 33.92 36.75
N VAL B 141 -21.95 33.82 35.94
CA VAL B 141 -21.99 34.27 34.55
C VAL B 141 -21.15 33.34 33.67
N THR B 142 -21.70 32.98 32.51
CA THR B 142 -21.01 32.11 31.56
C THR B 142 -20.52 32.94 30.38
N LEU B 143 -19.24 32.80 30.06
CA LEU B 143 -18.64 33.51 28.93
C LEU B 143 -18.20 32.44 27.96
N GLY B 144 -17.96 32.84 26.72
CA GLY B 144 -17.55 31.87 25.73
C GLY B 144 -16.45 32.33 24.81
N CYS B 145 -16.02 31.39 23.97
CA CYS B 145 -14.96 31.66 23.03
C CYS B 145 -15.16 30.76 21.83
N LEU B 146 -15.31 31.40 20.67
CA LEU B 146 -15.52 30.71 19.41
C LEU B 146 -14.24 30.65 18.56
N VAL B 147 -13.75 29.44 18.35
CA VAL B 147 -12.56 29.24 17.52
C VAL B 147 -13.09 28.61 16.22
N LYS B 148 -13.27 29.45 15.22
CA LYS B 148 -13.83 29.04 13.94
C LYS B 148 -12.90 28.90 12.73
N GLY B 149 -13.30 28.00 11.83
CA GLY B 149 -12.60 27.75 10.58
C GLY B 149 -11.10 27.53 10.55
N TYR B 150 -10.59 26.63 11.38
CA TYR B 150 -9.16 26.36 11.35
C TYR B 150 -8.83 25.00 10.73
N PHE B 151 -7.57 24.85 10.31
CA PHE B 151 -7.08 23.61 9.74
C PHE B 151 -5.56 23.64 9.69
N PRO B 152 -4.91 22.55 10.15
CA PRO B 152 -5.60 21.37 10.68
C PRO B 152 -5.83 21.48 12.18
N GLU B 153 -6.15 20.33 12.77
CA GLU B 153 -6.36 20.26 14.21
C GLU B 153 -4.97 19.88 14.74
N PRO B 154 -4.67 20.21 16.01
CA PRO B 154 -5.56 20.90 16.94
C PRO B 154 -5.18 22.36 17.19
N VAL B 155 -5.90 22.96 18.13
CA VAL B 155 -5.64 24.32 18.57
C VAL B 155 -5.58 24.14 20.08
N THR B 156 -4.99 25.10 20.77
CA THR B 156 -4.92 25.04 22.22
C THR B 156 -5.60 26.29 22.76
N LEU B 157 -6.65 26.09 23.54
CA LEU B 157 -7.40 27.21 24.12
C LEU B 157 -7.32 27.18 25.63
N THR B 158 -7.01 28.33 26.23
CA THR B 158 -6.94 28.45 27.68
C THR B 158 -7.67 29.71 28.10
N TRP B 159 -7.84 29.89 29.41
CA TRP B 159 -8.50 31.09 29.93
C TRP B 159 -7.55 31.78 30.89
N ASN B 160 -7.27 33.05 30.64
CA ASN B 160 -6.35 33.78 31.49
C ASN B 160 -5.02 33.03 31.57
N SER B 161 -4.59 32.51 30.41
CA SER B 161 -3.34 31.78 30.27
C SER B 161 -3.30 30.47 31.05
N GLY B 162 -4.46 30.01 31.49
CA GLY B 162 -4.51 28.78 32.26
C GLY B 162 -4.80 29.09 33.71
N SER B 163 -4.78 30.38 34.05
CA SER B 163 -5.06 30.84 35.40
C SER B 163 -6.47 30.40 35.75
N LEU B 164 -7.37 30.54 34.77
CA LEU B 164 -8.78 30.20 34.91
C LEU B 164 -8.95 28.74 34.45
N SER B 165 -8.99 27.85 35.43
CA SER B 165 -9.08 26.42 35.18
C SER B 165 -10.42 25.71 35.43
N SER B 166 -11.05 25.97 36.57
CA SER B 166 -12.30 25.31 36.90
C SER B 166 -13.53 25.97 36.25
N GLY B 167 -14.62 25.19 36.16
CA GLY B 167 -15.86 25.67 35.57
C GLY B 167 -15.76 25.98 34.09
N VAL B 168 -14.90 25.24 33.39
CA VAL B 168 -14.69 25.44 31.96
C VAL B 168 -15.13 24.20 31.16
N HIS B 169 -15.59 24.43 29.94
CA HIS B 169 -16.02 23.36 29.04
C HIS B 169 -15.53 23.70 27.63
N THR B 170 -14.50 23.01 27.16
CA THR B 170 -13.98 23.25 25.81
C THR B 170 -14.50 22.07 24.98
N PHE B 171 -15.44 22.37 24.09
CA PHE B 171 -16.07 21.33 23.27
C PHE B 171 -15.26 20.80 22.11
N PRO B 172 -15.43 19.51 21.80
CA PRO B 172 -14.73 18.86 20.70
C PRO B 172 -14.93 19.63 19.37
N ALA B 173 -13.86 19.73 18.59
CA ALA B 173 -13.93 20.42 17.32
C ALA B 173 -14.75 19.61 16.33
N VAL B 174 -15.50 20.32 15.49
CA VAL B 174 -16.31 19.68 14.46
C VAL B 174 -15.98 20.33 13.13
N LEU B 175 -16.24 19.61 12.03
CA LEU B 175 -15.99 20.12 10.68
C LEU B 175 -17.14 21.02 10.26
N GLN B 176 -16.84 22.30 10.07
CA GLN B 176 -17.85 23.27 9.66
C GLN B 176 -18.01 23.18 8.14
N SER B 177 -16.93 22.76 7.48
CA SER B 177 -16.88 22.61 6.02
C SER B 177 -15.42 22.41 5.63
N ASP B 178 -14.90 21.21 5.87
CA ASP B 178 -13.50 20.92 5.59
C ASP B 178 -12.60 21.77 6.47
N LEU B 179 -13.23 22.50 7.38
CA LEU B 179 -12.53 23.34 8.34
C LEU B 179 -13.14 23.07 9.71
N TYR B 180 -12.31 23.20 10.75
CA TYR B 180 -12.75 22.94 12.11
C TYR B 180 -13.25 24.17 12.86
N THR B 181 -14.21 23.92 13.73
CA THR B 181 -14.74 24.97 14.56
C THR B 181 -14.95 24.37 15.96
N LEU B 182 -14.50 25.13 16.96
CA LEU B 182 -14.59 24.71 18.34
C LEU B 182 -14.99 25.90 19.20
N SER B 183 -15.48 25.64 20.42
CA SER B 183 -15.84 26.71 21.33
C SER B 183 -15.59 26.25 22.76
N SER B 184 -15.35 27.22 23.64
CA SER B 184 -15.10 26.98 25.05
C SER B 184 -15.98 27.90 25.86
N SER B 185 -16.42 27.45 27.03
CA SER B 185 -17.26 28.25 27.90
C SER B 185 -16.68 28.18 29.30
N VAL B 186 -16.65 29.33 29.97
CA VAL B 186 -16.15 29.38 31.34
C VAL B 186 -17.23 30.06 32.18
N THR B 187 -17.51 29.48 33.34
CA THR B 187 -18.52 30.03 34.23
C THR B 187 -17.84 30.47 35.53
N VAL B 188 -18.09 31.72 35.91
CA VAL B 188 -17.50 32.30 37.11
C VAL B 188 -18.59 33.07 37.86
N THR B 189 -18.26 33.59 39.04
CA THR B 189 -19.20 34.37 39.83
C THR B 189 -19.42 35.70 39.14
N SER B 190 -20.54 36.35 39.44
CA SER B 190 -20.85 37.64 38.85
C SER B 190 -19.84 38.70 39.31
N SER B 191 -19.19 38.42 40.44
CA SER B 191 -18.22 39.36 41.00
C SER B 191 -16.83 39.14 40.41
N THR B 192 -16.66 38.03 39.72
CA THR B 192 -15.38 37.72 39.07
C THR B 192 -15.25 38.48 37.75
N TRP B 193 -16.36 38.60 37.03
CA TRP B 193 -16.38 39.27 35.74
C TRP B 193 -17.65 40.12 35.58
N PRO B 194 -17.56 41.31 34.94
CA PRO B 194 -16.37 41.94 34.34
C PRO B 194 -15.45 42.60 35.36
N SER B 195 -15.82 42.43 36.63
CA SER B 195 -15.10 42.94 37.78
C SER B 195 -13.59 42.59 37.72
N GLN B 196 -13.30 41.41 37.16
CA GLN B 196 -11.93 40.93 36.98
C GLN B 196 -11.72 40.46 35.53
N SER B 197 -10.50 40.65 35.03
CA SER B 197 -10.12 40.28 33.66
C SER B 197 -10.26 38.81 33.24
N ILE B 198 -10.89 38.59 32.08
CA ILE B 198 -11.05 37.24 31.55
C ILE B 198 -10.74 37.19 30.06
N THR B 199 -9.68 36.48 29.73
CA THR B 199 -9.24 36.36 28.36
C THR B 199 -9.17 34.92 27.88
N CYS B 200 -9.51 34.74 26.62
CA CYS B 200 -9.48 33.45 25.96
C CYS B 200 -8.17 33.45 25.18
N ASN B 201 -7.34 32.44 25.39
CA ASN B 201 -6.05 32.34 24.70
C ASN B 201 -6.07 31.14 23.76
N VAL B 202 -6.04 31.41 22.47
CA VAL B 202 -6.07 30.33 21.49
C VAL B 202 -4.82 30.25 20.63
N ALA B 203 -4.22 29.07 20.57
CA ALA B 203 -3.03 28.85 19.77
C ALA B 203 -3.36 27.83 18.69
N HIS B 204 -2.63 27.89 17.59
CA HIS B 204 -2.80 26.97 16.48
C HIS B 204 -1.42 26.77 15.93
N PRO B 205 -0.66 25.83 16.52
CA PRO B 205 0.71 25.51 16.11
C PRO B 205 0.94 25.38 14.59
N ALA B 206 0.02 24.73 13.88
CA ALA B 206 0.13 24.54 12.44
C ALA B 206 0.28 25.85 11.65
N SER B 207 -0.32 26.93 12.15
CA SER B 207 -0.23 28.21 11.47
C SER B 207 0.58 29.24 12.24
N SER B 208 1.24 28.78 13.30
CA SER B 208 2.05 29.65 14.14
C SER B 208 1.15 30.75 14.68
N THR B 209 -0.05 30.34 15.10
CA THR B 209 -1.05 31.27 15.62
C THR B 209 -1.15 31.23 17.13
N GLN B 210 -1.20 32.41 17.72
CA GLN B 210 -1.32 32.56 19.15
C GLN B 210 -2.03 33.87 19.38
N VAL B 211 -3.36 33.80 19.46
CA VAL B 211 -4.19 34.98 19.65
C VAL B 211 -4.85 35.02 21.03
N ASP B 212 -5.15 36.23 21.48
CA ASP B 212 -5.80 36.48 22.77
C ASP B 212 -7.03 37.34 22.56
N LYS B 213 -8.15 36.91 23.16
CA LYS B 213 -9.40 37.64 23.06
C LYS B 213 -9.98 37.86 24.44
N LYS B 214 -10.12 39.12 24.82
CA LYS B 214 -10.70 39.45 26.12
C LYS B 214 -12.21 39.62 25.96
N ILE B 215 -12.96 38.99 26.86
CA ILE B 215 -14.42 39.05 26.82
C ILE B 215 -14.90 40.33 27.51
N GLU B 216 -15.42 41.27 26.73
CA GLU B 216 -15.92 42.50 27.31
C GLU B 216 -17.43 42.47 27.34
N PRO B 217 -18.01 43.10 28.37
CA PRO B 217 -19.47 43.16 28.51
C PRO B 217 -20.02 43.82 27.24
N ARG B 218 -21.17 43.38 26.77
CA ARG B 218 -21.77 43.96 25.56
C ARG B 218 -22.39 45.34 25.85
N GLY B 219 -23.12 45.88 24.88
CA GLY B 219 -23.77 47.17 25.07
C GLY B 219 -22.96 48.39 24.66
N PRO B 220 -23.64 49.46 24.19
CA PRO B 220 -22.98 50.70 23.78
C PRO B 220 -22.35 51.37 25.00
N ASP C 1 23.07 9.96 -4.10
CA ASP C 1 22.21 9.39 -5.19
C ASP C 1 20.90 8.89 -4.63
N VAL C 2 19.83 9.12 -5.37
CA VAL C 2 18.50 8.67 -4.95
C VAL C 2 18.21 7.34 -5.66
N LEU C 3 17.90 6.33 -4.85
CA LEU C 3 17.60 4.99 -5.36
C LEU C 3 16.11 4.68 -5.26
N MET C 4 15.54 4.20 -6.37
CA MET C 4 14.12 3.88 -6.44
C MET C 4 13.90 2.40 -6.23
N THR C 5 12.97 2.08 -5.33
CA THR C 5 12.66 0.69 -5.01
C THR C 5 11.20 0.42 -5.32
N GLN C 6 10.96 -0.59 -6.13
CA GLN C 6 9.60 -0.99 -6.51
C GLN C 6 9.16 -2.30 -5.85
N THR C 7 7.89 -2.34 -5.44
CA THR C 7 7.29 -3.49 -4.79
C THR C 7 5.84 -3.64 -5.27
N PRO C 8 5.42 -4.89 -5.55
CA PRO C 8 6.22 -6.11 -5.44
C PRO C 8 6.94 -6.27 -6.77
N LEU C 9 7.89 -7.20 -6.87
CA LEU C 9 8.57 -7.35 -8.15
C LEU C 9 7.67 -8.12 -9.11
N SER C 10 6.57 -8.63 -8.58
CA SER C 10 5.61 -9.39 -9.35
C SER C 10 4.23 -9.30 -8.70
N LEU C 11 3.24 -8.84 -9.47
CA LEU C 11 1.87 -8.68 -8.98
C LEU C 11 0.88 -9.57 -9.73
N PRO C 12 0.49 -10.71 -9.12
CA PRO C 12 -0.47 -11.60 -9.77
C PRO C 12 -1.87 -11.01 -9.69
N VAL C 13 -2.48 -10.78 -10.84
CA VAL C 13 -3.82 -10.21 -10.85
C VAL C 13 -4.80 -10.97 -11.73
N SER C 14 -6.09 -10.77 -11.41
CA SER C 14 -7.16 -11.35 -12.19
C SER C 14 -7.66 -10.13 -12.98
N LEU C 15 -8.08 -10.36 -14.21
CA LEU C 15 -8.57 -9.27 -15.04
C LEU C 15 -9.78 -8.62 -14.35
N GLY C 16 -9.89 -7.32 -14.49
CA GLY C 16 -11.00 -6.60 -13.88
C GLY C 16 -10.64 -6.02 -12.54
N ASP C 17 -9.54 -6.51 -11.94
CA ASP C 17 -9.07 -6.05 -10.63
C ASP C 17 -8.60 -4.60 -10.61
N GLN C 18 -8.72 -3.98 -9.43
CA GLN C 18 -8.26 -2.62 -9.20
C GLN C 18 -6.94 -2.86 -8.49
N VAL C 19 -5.84 -2.41 -9.08
CA VAL C 19 -4.54 -2.65 -8.48
C VAL C 19 -3.72 -1.39 -8.23
N SER C 20 -2.75 -1.52 -7.33
CA SER C 20 -1.83 -0.44 -6.95
C SER C 20 -0.42 -1.04 -6.90
N ILE C 21 0.53 -0.36 -7.53
CA ILE C 21 1.95 -0.76 -7.58
C ILE C 21 2.74 0.31 -6.84
N PHE C 22 3.76 -0.08 -6.10
CA PHE C 22 4.52 0.90 -5.33
C PHE C 22 5.98 1.15 -5.71
N CYS C 23 6.45 2.33 -5.32
CA CYS C 23 7.79 2.81 -5.60
C CYS C 23 8.23 3.72 -4.46
N THR C 24 9.41 3.43 -3.90
CA THR C 24 9.95 4.22 -2.79
C THR C 24 11.29 4.82 -3.18
N SER C 25 11.48 6.09 -2.88
CA SER C 25 12.74 6.75 -3.18
C SER C 25 13.58 6.73 -1.90
N SER C 26 14.89 6.60 -2.05
CA SER C 26 15.81 6.56 -0.92
C SER C 26 15.69 7.83 -0.06
N GLN C 27 15.13 8.88 -0.66
CA GLN C 27 14.91 10.17 0.00
C GLN C 27 14.00 11.03 -0.86
N THR C 28 13.59 12.17 -0.32
CA THR C 28 12.70 13.08 -1.02
C THR C 28 13.19 13.39 -2.43
N ILE C 29 12.26 13.57 -3.35
CA ILE C 29 12.59 13.88 -4.73
C ILE C 29 11.86 15.11 -5.30
N VAL C 30 12.11 16.28 -4.72
CA VAL C 30 11.50 17.50 -5.23
C VAL C 30 12.63 18.33 -5.84
N HIS C 31 12.46 18.68 -7.12
CA HIS C 31 13.44 19.47 -7.81
C HIS C 31 13.42 20.84 -7.14
N THR C 32 14.42 21.67 -7.44
CA THR C 32 14.50 23.01 -6.84
C THR C 32 13.44 23.95 -7.40
N ASN C 33 12.84 23.58 -8.52
CA ASN C 33 11.80 24.43 -9.10
C ASN C 33 10.48 24.03 -8.43
N GLY C 34 10.59 23.13 -7.46
CA GLY C 34 9.46 22.68 -6.69
C GLY C 34 8.69 21.48 -7.23
N ASN C 35 9.04 21.02 -8.41
CA ASN C 35 8.35 19.89 -9.01
C ASN C 35 8.99 18.52 -8.69
N THR C 36 8.13 17.51 -8.57
CA THR C 36 8.60 16.15 -8.31
C THR C 36 8.52 15.39 -9.65
N TYR C 37 9.68 15.12 -10.22
CA TYR C 37 9.79 14.43 -11.50
C TYR C 37 9.74 12.90 -11.39
N LEU C 38 8.59 12.40 -10.95
CA LEU C 38 8.38 10.96 -10.84
C LEU C 38 7.52 10.52 -12.01
N GLU C 39 8.09 9.65 -12.84
CA GLU C 39 7.39 9.14 -14.01
C GLU C 39 7.15 7.63 -13.92
N TRP C 40 6.07 7.17 -14.56
CA TRP C 40 5.73 5.74 -14.61
C TRP C 40 5.74 5.28 -16.07
N TYR C 41 6.36 4.14 -16.32
CA TYR C 41 6.47 3.57 -17.67
C TYR C 41 5.99 2.13 -17.72
N LEU C 42 5.35 1.74 -18.81
CA LEU C 42 4.91 0.37 -18.97
C LEU C 42 5.64 -0.17 -20.19
N GLN C 43 6.23 -1.34 -20.06
CA GLN C 43 6.90 -1.94 -21.18
C GLN C 43 6.16 -3.23 -21.49
N LYS C 44 5.59 -3.28 -22.69
CA LYS C 44 4.85 -4.44 -23.16
C LYS C 44 5.84 -5.43 -23.74
N PRO C 45 5.63 -6.73 -23.49
CA PRO C 45 6.58 -7.70 -24.05
C PRO C 45 6.84 -7.43 -25.53
N GLY C 46 8.12 -7.39 -25.92
CA GLY C 46 8.48 -7.13 -27.30
C GLY C 46 8.53 -5.68 -27.72
N GLN C 47 8.08 -4.78 -26.87
CA GLN C 47 8.08 -3.35 -27.19
C GLN C 47 8.93 -2.51 -26.24
N SER C 48 9.19 -1.27 -26.67
CA SER C 48 9.96 -0.32 -25.87
C SER C 48 9.02 0.26 -24.80
N PRO C 49 9.59 0.85 -23.74
CA PRO C 49 8.77 1.43 -22.66
C PRO C 49 7.93 2.65 -23.09
N LYS C 50 6.75 2.77 -22.49
CA LYS C 50 5.83 3.87 -22.81
C LYS C 50 5.40 4.63 -21.56
N LEU C 51 5.42 5.95 -21.68
CA LEU C 51 5.02 6.86 -20.61
C LEU C 51 3.53 6.72 -20.26
N LEU C 52 3.26 6.58 -18.97
CA LEU C 52 1.89 6.48 -18.48
C LEU C 52 1.57 7.72 -17.66
N ILE C 53 2.44 8.00 -16.70
CA ILE C 53 2.28 9.13 -15.77
C ILE C 53 3.57 9.94 -15.61
N TYR C 54 3.44 11.27 -15.56
CA TYR C 54 4.59 12.15 -15.35
C TYR C 54 4.28 13.08 -14.17
N LYS C 55 5.33 13.61 -13.56
CA LYS C 55 5.23 14.48 -12.40
C LYS C 55 4.24 13.93 -11.37
N VAL C 56 4.48 12.68 -10.97
CA VAL C 56 3.68 11.98 -9.98
C VAL C 56 2.26 11.60 -10.37
N SER C 57 1.42 12.59 -10.67
CA SER C 57 0.02 12.34 -10.96
C SER C 57 -0.60 12.74 -12.29
N ASN C 58 0.22 13.09 -13.29
CA ASN C 58 -0.33 13.52 -14.57
C ASN C 58 -0.37 12.42 -15.61
N ARG C 59 -1.57 12.00 -16.00
CA ARG C 59 -1.70 10.95 -17.01
C ARG C 59 -1.30 11.54 -18.35
N PHE C 60 -0.43 10.85 -19.05
CA PHE C 60 0.03 11.31 -20.35
C PHE C 60 -1.09 11.14 -21.37
N SER C 61 -1.26 12.15 -22.22
CA SER C 61 -2.29 12.13 -23.26
C SER C 61 -2.25 10.84 -24.08
N GLY C 62 -3.41 10.19 -24.21
CA GLY C 62 -3.50 8.95 -24.97
C GLY C 62 -3.56 7.72 -24.07
N VAL C 63 -3.11 7.89 -22.82
CA VAL C 63 -3.09 6.82 -21.82
C VAL C 63 -4.51 6.60 -21.29
N PRO C 64 -4.95 5.32 -21.18
CA PRO C 64 -6.28 5.01 -20.67
C PRO C 64 -6.60 5.61 -19.29
N ASP C 65 -7.85 6.05 -19.13
CA ASP C 65 -8.34 6.63 -17.90
C ASP C 65 -8.23 5.75 -16.67
N ARG C 66 -7.98 4.45 -16.85
CA ARG C 66 -7.86 3.54 -15.71
C ARG C 66 -6.52 3.65 -14.99
N PHE C 67 -5.56 4.36 -15.61
CA PHE C 67 -4.23 4.56 -15.02
C PHE C 67 -4.16 5.90 -14.30
N SER C 68 -3.51 5.92 -13.15
CA SER C 68 -3.36 7.14 -12.38
C SER C 68 -2.20 7.04 -11.40
N GLY C 69 -1.51 8.16 -11.20
CA GLY C 69 -0.39 8.19 -10.28
C GLY C 69 -0.67 9.10 -9.08
N SER C 70 0.00 8.82 -7.97
CA SER C 70 -0.15 9.62 -6.76
C SER C 70 1.04 9.39 -5.83
N GLY C 71 1.03 10.07 -4.69
CA GLY C 71 2.12 9.92 -3.74
C GLY C 71 2.81 11.22 -3.39
N SER C 72 3.76 11.11 -2.47
CA SER C 72 4.53 12.27 -2.01
C SER C 72 5.70 11.83 -1.12
N GLY C 73 6.63 12.73 -0.89
CA GLY C 73 7.77 12.41 -0.04
C GLY C 73 8.65 11.32 -0.64
N THR C 74 8.49 10.09 -0.15
CA THR C 74 9.27 8.96 -0.62
C THR C 74 8.38 7.81 -1.09
N ASP C 75 7.07 8.00 -0.96
CA ASP C 75 6.10 6.98 -1.34
C ASP C 75 5.20 7.38 -2.50
N PHE C 76 5.35 6.65 -3.61
CA PHE C 76 4.57 6.90 -4.82
C PHE C 76 3.87 5.63 -5.28
N THR C 77 2.68 5.81 -5.84
CA THR C 77 1.86 4.70 -6.28
C THR C 77 1.23 4.84 -7.67
N LEU C 78 1.16 3.72 -8.37
CA LEU C 78 0.53 3.67 -9.66
C LEU C 78 -0.72 2.81 -9.46
N LYS C 79 -1.85 3.33 -9.95
CA LYS C 79 -3.13 2.66 -9.82
C LYS C 79 -3.73 2.33 -11.18
N ILE C 80 -4.41 1.19 -11.25
CA ILE C 80 -5.13 0.73 -12.44
C ILE C 80 -6.49 0.30 -11.88
N SER C 81 -7.53 1.05 -12.19
CA SER C 81 -8.87 0.81 -11.67
C SER C 81 -9.55 -0.49 -12.12
N ARG C 82 -9.20 -0.97 -13.31
CA ARG C 82 -9.79 -2.19 -13.82
C ARG C 82 -8.79 -2.76 -14.81
N VAL C 83 -8.00 -3.70 -14.35
CA VAL C 83 -6.98 -4.32 -15.18
C VAL C 83 -7.58 -5.00 -16.41
N GLU C 84 -6.94 -4.74 -17.54
CA GLU C 84 -7.30 -5.28 -18.85
C GLU C 84 -6.12 -6.17 -19.27
N THR C 85 -6.35 -7.06 -20.22
CA THR C 85 -5.28 -7.97 -20.66
C THR C 85 -4.10 -7.17 -21.19
N GLU C 86 -4.41 -6.04 -21.84
CA GLU C 86 -3.37 -5.18 -22.42
C GLU C 86 -2.45 -4.52 -21.40
N ASP C 87 -2.89 -4.48 -20.14
CA ASP C 87 -2.11 -3.88 -19.09
C ASP C 87 -0.96 -4.77 -18.59
N LEU C 88 -0.99 -6.05 -18.93
CA LEU C 88 0.05 -6.97 -18.49
C LEU C 88 1.44 -6.60 -19.05
N GLY C 89 2.44 -6.67 -18.18
CA GLY C 89 3.79 -6.34 -18.59
C GLY C 89 4.48 -5.84 -17.35
N ILE C 90 5.62 -5.16 -17.52
CA ILE C 90 6.35 -4.64 -16.37
C ILE C 90 6.24 -3.11 -16.31
N TYR C 91 5.97 -2.60 -15.12
CA TYR C 91 5.86 -1.17 -14.91
C TYR C 91 7.11 -0.67 -14.20
N TYR C 92 7.62 0.47 -14.64
CA TYR C 92 8.83 1.06 -14.05
C TYR C 92 8.58 2.47 -13.53
N CYS C 93 9.11 2.78 -12.35
CA CYS C 93 8.99 4.12 -11.83
C CYS C 93 10.36 4.75 -12.05
N PHE C 94 10.39 6.07 -12.06
CA PHE C 94 11.61 6.82 -12.32
C PHE C 94 11.58 8.16 -11.57
N GLN C 95 12.75 8.66 -11.19
CA GLN C 95 12.83 9.97 -10.56
C GLN C 95 13.88 10.76 -11.32
N GLY C 96 13.56 12.00 -11.66
CA GLY C 96 14.49 12.84 -12.40
C GLY C 96 14.65 14.19 -11.73
N SER C 97 14.29 14.24 -10.45
CA SER C 97 14.36 15.46 -9.63
C SER C 97 15.80 15.74 -9.21
N HIS C 98 16.59 14.68 -9.07
CA HIS C 98 17.99 14.80 -8.66
C HIS C 98 18.88 13.98 -9.58
N PHE C 99 20.12 14.39 -9.75
CA PHE C 99 21.07 13.66 -10.58
C PHE C 99 21.94 12.81 -9.64
N PRO C 100 22.23 11.56 -10.05
CA PRO C 100 21.80 10.93 -11.30
C PRO C 100 20.32 10.52 -11.34
N LEU C 101 19.75 10.52 -12.54
CA LEU C 101 18.34 10.13 -12.78
C LEU C 101 18.25 8.64 -12.45
N ALA C 102 17.22 8.23 -11.71
CA ALA C 102 17.09 6.84 -11.29
C ALA C 102 15.79 6.12 -11.60
N PHE C 103 15.92 4.88 -12.04
CA PHE C 103 14.79 4.01 -12.39
C PHE C 103 14.55 3.00 -11.25
N GLY C 104 13.31 2.51 -11.15
CA GLY C 104 12.97 1.51 -10.17
C GLY C 104 13.25 0.21 -10.90
N ALA C 105 13.30 -0.92 -10.18
CA ALA C 105 13.61 -2.21 -10.78
C ALA C 105 12.47 -2.83 -11.62
N GLY C 106 11.28 -2.28 -11.51
CA GLY C 106 10.16 -2.81 -12.26
C GLY C 106 9.28 -3.75 -11.46
N THR C 107 8.00 -3.75 -11.81
CA THR C 107 7.02 -4.62 -11.19
C THR C 107 6.29 -5.31 -12.33
N LYS C 108 6.24 -6.63 -12.28
CA LYS C 108 5.60 -7.37 -13.34
C LYS C 108 4.13 -7.60 -13.06
N LEU C 109 3.30 -7.23 -14.01
CA LEU C 109 1.87 -7.42 -13.89
C LEU C 109 1.62 -8.76 -14.57
N GLU C 110 1.30 -9.76 -13.77
CA GLU C 110 1.08 -11.11 -14.29
C GLU C 110 -0.29 -11.65 -13.87
N LEU C 111 -0.75 -12.65 -14.63
CA LEU C 111 -2.04 -13.27 -14.37
C LEU C 111 -2.09 -14.35 -13.31
N LYS C 112 -3.19 -14.31 -12.54
CA LYS C 112 -3.45 -15.27 -11.48
C LYS C 112 -4.17 -16.48 -12.09
N ARG C 113 -4.00 -17.64 -11.45
CA ARG C 113 -4.62 -18.89 -11.87
C ARG C 113 -4.45 -19.90 -10.75
N ALA C 114 -5.04 -21.09 -10.94
CA ALA C 114 -4.95 -22.13 -9.92
C ALA C 114 -3.53 -22.66 -9.82
N ASP C 115 -3.17 -23.05 -8.61
CA ASP C 115 -1.84 -23.59 -8.35
C ASP C 115 -1.59 -24.72 -9.34
N ALA C 116 -0.32 -25.02 -9.58
CA ALA C 116 0.03 -26.08 -10.50
C ALA C 116 1.36 -26.69 -10.10
N ALA C 117 1.32 -27.94 -9.63
CA ALA C 117 2.55 -28.63 -9.27
C ALA C 117 3.30 -28.83 -10.58
N PRO C 118 4.62 -28.65 -10.56
CA PRO C 118 5.41 -28.84 -11.78
C PRO C 118 5.58 -30.29 -12.18
N THR C 119 5.86 -30.52 -13.46
CA THR C 119 6.13 -31.86 -13.97
C THR C 119 7.66 -31.82 -14.11
N VAL C 120 8.35 -32.59 -13.28
CA VAL C 120 9.81 -32.65 -13.25
C VAL C 120 10.37 -33.83 -14.04
N SER C 121 11.28 -33.55 -14.96
CA SER C 121 11.93 -34.58 -15.77
C SER C 121 13.44 -34.42 -15.68
N ILE C 122 14.14 -35.53 -15.51
CA ILE C 122 15.60 -35.51 -15.41
C ILE C 122 16.23 -36.24 -16.61
N PHE C 123 17.28 -35.65 -17.16
CA PHE C 123 17.96 -36.22 -18.33
C PHE C 123 19.46 -36.36 -18.20
N PRO C 124 19.97 -37.60 -18.24
CA PRO C 124 21.40 -37.89 -18.13
C PRO C 124 22.13 -37.42 -19.39
N PRO C 125 23.45 -37.24 -19.30
CA PRO C 125 24.23 -36.79 -20.47
C PRO C 125 23.96 -37.67 -21.70
N SER C 126 23.99 -37.08 -22.88
CA SER C 126 23.77 -37.83 -24.11
C SER C 126 25.09 -38.53 -24.43
N SER C 127 25.03 -39.59 -25.24
CA SER C 127 26.24 -40.32 -25.62
C SER C 127 27.15 -39.46 -26.48
N GLU C 128 26.56 -38.55 -27.27
CA GLU C 128 27.32 -37.67 -28.15
C GLU C 128 28.16 -36.70 -27.33
N GLN C 129 27.56 -36.14 -26.30
CA GLN C 129 28.25 -35.21 -25.43
C GLN C 129 29.34 -35.96 -24.69
N LEU C 130 29.01 -37.17 -24.24
CA LEU C 130 29.97 -38.02 -23.54
C LEU C 130 31.13 -38.31 -24.51
N THR C 131 30.78 -38.82 -25.70
CA THR C 131 31.74 -39.12 -26.75
C THR C 131 32.66 -37.93 -27.02
N SER C 132 32.11 -36.72 -26.93
CA SER C 132 32.89 -35.51 -27.14
C SER C 132 33.54 -35.09 -25.81
N GLY C 133 33.42 -35.95 -24.81
CA GLY C 133 34.04 -35.67 -23.53
C GLY C 133 33.35 -34.75 -22.53
N GLY C 134 32.05 -34.54 -22.68
CA GLY C 134 31.33 -33.68 -21.75
C GLY C 134 30.20 -34.41 -21.05
N ALA C 135 29.61 -33.77 -20.03
CA ALA C 135 28.51 -34.38 -19.30
C ALA C 135 27.53 -33.38 -18.65
N SER C 136 26.39 -33.16 -19.30
CA SER C 136 25.40 -32.23 -18.76
C SER C 136 24.16 -32.98 -18.30
N VAL C 137 23.73 -32.69 -17.08
CA VAL C 137 22.52 -33.32 -16.54
C VAL C 137 21.46 -32.22 -16.54
N VAL C 138 20.40 -32.40 -17.31
CA VAL C 138 19.35 -31.42 -17.41
C VAL C 138 18.09 -31.87 -16.67
N CYS C 139 17.34 -30.89 -16.17
CA CYS C 139 16.12 -31.16 -15.45
C CYS C 139 15.12 -30.05 -15.73
N PHE C 140 13.95 -30.44 -16.24
CA PHE C 140 12.88 -29.52 -16.55
C PHE C 140 11.76 -29.59 -15.51
N LEU C 141 11.32 -28.43 -15.03
CA LEU C 141 10.22 -28.33 -14.06
C LEU C 141 9.20 -27.51 -14.87
N ASN C 142 8.21 -28.20 -15.43
CA ASN C 142 7.25 -27.53 -16.30
C ASN C 142 5.81 -27.30 -15.87
N ASN C 143 5.26 -26.20 -16.39
CA ASN C 143 3.90 -25.73 -16.17
C ASN C 143 3.43 -25.70 -14.72
N PHE C 144 4.13 -24.94 -13.89
CA PHE C 144 3.78 -24.83 -12.48
C PHE C 144 3.23 -23.43 -12.17
N TYR C 145 2.64 -23.28 -11.00
CA TYR C 145 2.07 -22.02 -10.59
C TYR C 145 1.77 -22.06 -9.09
N PRO C 146 2.19 -21.02 -8.33
CA PRO C 146 2.92 -19.82 -8.72
C PRO C 146 4.31 -20.04 -9.30
N LYS C 147 4.96 -18.94 -9.72
CA LYS C 147 6.30 -18.98 -10.33
C LYS C 147 7.43 -19.30 -9.34
N ASP C 148 7.19 -19.07 -8.05
CA ASP C 148 8.18 -19.33 -6.99
C ASP C 148 8.55 -20.81 -6.95
N ILE C 149 9.85 -21.13 -7.07
CA ILE C 149 10.26 -22.53 -7.05
C ILE C 149 11.75 -22.69 -6.78
N ASN C 150 12.11 -23.80 -6.12
CA ASN C 150 13.49 -24.12 -5.78
C ASN C 150 13.89 -25.50 -6.32
N VAL C 151 15.06 -25.58 -6.94
CA VAL C 151 15.54 -26.85 -7.48
C VAL C 151 16.89 -27.17 -6.84
N LYS C 152 17.01 -28.39 -6.32
CA LYS C 152 18.23 -28.87 -5.66
C LYS C 152 18.81 -30.14 -6.29
N TRP C 153 20.12 -30.13 -6.56
CA TRP C 153 20.78 -31.30 -7.13
C TRP C 153 21.51 -32.10 -6.06
N LYS C 154 21.45 -33.43 -6.17
CA LYS C 154 22.13 -34.32 -5.23
C LYS C 154 22.84 -35.43 -5.99
N ILE C 155 24.16 -35.30 -6.13
CA ILE C 155 24.96 -36.30 -6.82
C ILE C 155 25.45 -37.35 -5.83
N ASP C 156 25.09 -38.60 -6.08
CA ASP C 156 25.47 -39.69 -5.19
C ASP C 156 25.00 -39.44 -3.78
N GLY C 157 23.83 -38.84 -3.66
CA GLY C 157 23.25 -38.56 -2.36
C GLY C 157 23.59 -37.23 -1.73
N SER C 158 24.66 -36.58 -2.20
CA SER C 158 25.09 -35.30 -1.65
C SER C 158 24.65 -34.13 -2.52
N GLU C 159 24.37 -33.00 -1.88
CA GLU C 159 23.92 -31.81 -2.61
C GLU C 159 25.02 -31.12 -3.43
N ARG C 160 24.66 -30.72 -4.64
CA ARG C 160 25.58 -30.06 -5.56
C ARG C 160 25.03 -28.69 -5.92
N GLN C 161 25.59 -27.67 -5.30
CA GLN C 161 25.17 -26.28 -5.49
C GLN C 161 26.02 -25.58 -6.53
N ASN C 162 27.20 -26.13 -6.77
CA ASN C 162 28.15 -25.56 -7.72
C ASN C 162 27.99 -26.15 -9.13
N GLY C 163 28.12 -25.28 -10.15
CA GLY C 163 28.04 -25.71 -11.54
C GLY C 163 26.66 -25.90 -12.15
N VAL C 164 25.68 -25.17 -11.63
CA VAL C 164 24.30 -25.26 -12.08
C VAL C 164 23.89 -24.01 -12.86
N LEU C 165 23.12 -24.21 -13.93
CA LEU C 165 22.63 -23.10 -14.76
C LEU C 165 21.11 -23.22 -14.86
N ASN C 166 20.40 -22.16 -14.52
CA ASN C 166 18.93 -22.16 -14.54
C ASN C 166 18.31 -21.11 -15.44
N SER C 167 17.27 -21.51 -16.16
CA SER C 167 16.55 -20.61 -17.06
C SER C 167 15.06 -20.76 -16.81
N TRP C 168 14.36 -19.62 -16.89
CA TRP C 168 12.92 -19.57 -16.65
C TRP C 168 12.19 -18.99 -17.84
N THR C 169 11.04 -19.59 -18.16
CA THR C 169 10.22 -19.09 -19.24
C THR C 169 9.28 -18.06 -18.63
N ASP C 170 8.81 -17.13 -19.45
CA ASP C 170 7.86 -16.13 -18.98
C ASP C 170 6.56 -16.90 -18.82
N GLN C 171 5.61 -16.34 -18.05
CA GLN C 171 4.33 -16.98 -17.84
C GLN C 171 3.69 -17.33 -19.19
N ASP C 172 3.23 -18.58 -19.30
CA ASP C 172 2.62 -19.04 -20.55
C ASP C 172 1.37 -18.24 -20.84
N SER C 173 1.19 -17.89 -22.11
CA SER C 173 0.03 -17.09 -22.51
C SER C 173 -1.23 -17.95 -22.68
N LYS C 174 -1.05 -19.26 -22.76
CA LYS C 174 -2.18 -20.18 -22.92
C LYS C 174 -2.69 -20.68 -21.57
N ASP C 175 -1.86 -21.38 -20.80
CA ASP C 175 -2.31 -21.88 -19.50
C ASP C 175 -1.92 -20.99 -18.32
N SER C 176 -1.16 -19.93 -18.58
CA SER C 176 -0.72 -19.01 -17.52
C SER C 176 0.23 -19.62 -16.48
N THR C 177 0.87 -20.73 -16.83
CA THR C 177 1.81 -21.37 -15.93
C THR C 177 3.25 -20.92 -16.24
N TYR C 178 4.20 -21.44 -15.48
CA TYR C 178 5.61 -21.11 -15.68
C TYR C 178 6.40 -22.40 -15.83
N SER C 179 7.60 -22.28 -16.38
CA SER C 179 8.46 -23.44 -16.59
C SER C 179 9.91 -23.03 -16.41
N MET C 180 10.75 -23.98 -16.04
CA MET C 180 12.16 -23.68 -15.84
C MET C 180 13.01 -24.91 -16.14
N SER C 181 14.25 -24.65 -16.56
CA SER C 181 15.20 -25.70 -16.84
C SER C 181 16.35 -25.49 -15.86
N SER C 182 17.00 -26.58 -15.48
CA SER C 182 18.13 -26.54 -14.56
C SER C 182 19.17 -27.50 -15.13
N THR C 183 20.35 -26.97 -15.42
CA THR C 183 21.38 -27.82 -16.01
C THR C 183 22.68 -27.88 -15.22
N LEU C 184 22.98 -29.08 -14.73
CA LEU C 184 24.22 -29.31 -14.01
C LEU C 184 25.20 -29.76 -15.11
N THR C 185 26.31 -29.03 -15.23
CA THR C 185 27.29 -29.37 -16.23
C THR C 185 28.58 -29.85 -15.55
N LEU C 186 29.01 -31.04 -15.94
CA LEU C 186 30.22 -31.65 -15.41
C LEU C 186 31.16 -32.01 -16.55
N THR C 187 32.09 -32.90 -16.25
CA THR C 187 33.07 -33.36 -17.22
C THR C 187 32.78 -34.86 -17.41
N LYS C 188 33.10 -35.43 -18.57
CA LYS C 188 32.85 -36.85 -18.81
C LYS C 188 33.40 -37.71 -17.66
N ASP C 189 34.61 -37.38 -17.21
CA ASP C 189 35.25 -38.12 -16.13
C ASP C 189 34.60 -37.89 -14.78
N GLU C 190 34.17 -36.66 -14.54
CA GLU C 190 33.52 -36.30 -13.29
C GLU C 190 32.16 -36.98 -13.18
N TYR C 191 31.41 -36.98 -14.27
CA TYR C 191 30.09 -37.59 -14.31
C TYR C 191 30.16 -39.11 -14.10
N GLU C 192 31.24 -39.73 -14.57
CA GLU C 192 31.38 -41.18 -14.42
C GLU C 192 31.92 -41.57 -13.05
N ARG C 193 32.40 -40.56 -12.31
CA ARG C 193 32.94 -40.79 -10.97
C ARG C 193 31.82 -41.10 -9.97
N HIS C 194 30.58 -40.78 -10.36
CA HIS C 194 29.41 -40.99 -9.52
C HIS C 194 28.43 -41.93 -10.22
N ASN C 195 27.27 -42.14 -9.61
CA ASN C 195 26.29 -43.03 -10.21
C ASN C 195 24.86 -42.49 -10.08
N SER C 196 24.56 -41.86 -8.96
CA SER C 196 23.23 -41.33 -8.73
C SER C 196 23.14 -39.82 -8.92
N TYR C 197 22.16 -39.42 -9.71
CA TYR C 197 21.95 -38.01 -10.00
C TYR C 197 20.51 -37.65 -9.71
N THR C 198 20.32 -36.77 -8.73
CA THR C 198 18.99 -36.34 -8.28
C THR C 198 18.60 -34.88 -8.47
N CYS C 199 17.38 -34.68 -8.97
CA CYS C 199 16.81 -33.35 -9.19
C CYS C 199 15.58 -33.21 -8.28
N GLU C 200 15.65 -32.30 -7.31
CA GLU C 200 14.54 -32.10 -6.38
C GLU C 200 13.89 -30.74 -6.52
N ALA C 201 12.55 -30.71 -6.60
CA ALA C 201 11.84 -29.44 -6.72
C ALA C 201 10.92 -29.13 -5.55
N THR C 202 11.12 -27.96 -4.96
CA THR C 202 10.30 -27.55 -3.83
C THR C 202 9.35 -26.44 -4.34
N HIS C 203 8.08 -26.83 -4.43
CA HIS C 203 7.03 -25.93 -4.88
C HIS C 203 5.95 -25.92 -3.81
N LYS C 204 5.31 -24.78 -3.66
CA LYS C 204 4.28 -24.62 -2.64
C LYS C 204 3.08 -25.57 -2.76
N THR C 205 3.03 -26.36 -3.84
CA THR C 205 1.91 -27.30 -4.07
C THR C 205 2.14 -28.74 -3.58
N SER C 206 3.37 -29.06 -3.20
CA SER C 206 3.69 -30.39 -2.69
C SER C 206 4.43 -30.20 -1.38
N THR C 207 4.11 -31.03 -0.39
CA THR C 207 4.75 -30.95 0.92
C THR C 207 6.25 -31.16 0.79
N SER C 208 6.65 -32.37 0.40
CA SER C 208 8.08 -32.70 0.23
C SER C 208 8.50 -32.46 -1.23
N PRO C 209 9.78 -32.10 -1.45
CA PRO C 209 10.25 -31.85 -2.81
C PRO C 209 9.92 -32.96 -3.78
N ILE C 210 9.67 -32.58 -5.03
CA ILE C 210 9.38 -33.54 -6.09
C ILE C 210 10.78 -34.05 -6.47
N VAL C 211 11.02 -35.34 -6.24
CA VAL C 211 12.32 -35.93 -6.51
C VAL C 211 12.36 -36.79 -7.76
N LYS C 212 13.35 -36.53 -8.61
CA LYS C 212 13.58 -37.28 -9.85
C LYS C 212 15.07 -37.57 -9.96
N SER C 213 15.41 -38.77 -10.41
CA SER C 213 16.83 -39.14 -10.56
C SER C 213 17.05 -40.40 -11.39
N PHE C 214 18.32 -40.73 -11.60
CA PHE C 214 18.69 -41.90 -12.38
C PHE C 214 20.06 -42.41 -11.94
N ASN C 215 20.37 -43.65 -12.29
CA ASN C 215 21.66 -44.25 -11.94
C ASN C 215 22.44 -44.54 -13.21
N ARG C 216 23.73 -44.28 -13.17
CA ARG C 216 24.59 -44.53 -14.31
C ARG C 216 24.62 -46.00 -14.69
N ASN C 217 24.09 -46.87 -13.83
CA ASN C 217 24.09 -48.30 -14.11
C ASN C 217 22.72 -48.98 -14.14
N GLU C 218 21.66 -48.20 -14.05
CA GLU C 218 20.34 -48.80 -14.10
C GLU C 218 19.21 -47.82 -14.35
N CYS C 219 18.79 -47.74 -15.61
CA CYS C 219 17.70 -46.86 -15.98
C CYS C 219 17.93 -45.36 -15.88
N GLU D 1 4.90 13.34 -37.84
CA GLU D 1 4.94 12.13 -36.97
C GLU D 1 6.29 11.94 -36.29
N VAL D 2 6.33 12.13 -34.98
CA VAL D 2 7.57 11.93 -34.23
C VAL D 2 8.09 10.52 -34.49
N LYS D 3 9.38 10.44 -34.73
CA LYS D 3 9.99 9.16 -34.97
C LYS D 3 11.42 9.22 -34.45
N LEU D 4 11.90 8.08 -33.96
CA LEU D 4 13.27 7.97 -33.45
C LEU D 4 13.76 6.60 -33.88
N VAL D 5 14.81 6.57 -34.69
CA VAL D 5 15.38 5.31 -35.15
C VAL D 5 16.85 5.20 -34.81
N GLU D 6 17.19 4.27 -33.92
CA GLU D 6 18.57 4.04 -33.50
C GLU D 6 19.28 3.04 -34.43
N SER D 7 20.52 3.36 -34.75
CA SER D 7 21.34 2.50 -35.60
C SER D 7 22.71 2.45 -34.97
N GLY D 8 23.57 1.55 -35.40
CA GLY D 8 24.90 1.48 -34.84
C GLY D 8 25.16 0.31 -33.90
N GLY D 9 24.09 -0.28 -33.36
CA GLY D 9 24.25 -1.38 -32.43
C GLY D 9 24.95 -2.57 -33.08
N GLY D 10 25.72 -3.32 -32.29
CA GLY D 10 26.41 -4.47 -32.82
C GLY D 10 27.35 -5.08 -31.79
N LEU D 11 28.17 -6.04 -32.22
CA LEU D 11 29.12 -6.70 -31.31
C LEU D 11 30.41 -5.90 -31.19
N VAL D 12 30.90 -5.75 -29.97
CA VAL D 12 32.13 -5.01 -29.72
C VAL D 12 32.96 -5.66 -28.62
N LYS D 13 34.25 -5.84 -28.88
CA LYS D 13 35.16 -6.43 -27.91
C LYS D 13 35.35 -5.44 -26.77
N PRO D 14 35.55 -5.94 -25.53
CA PRO D 14 35.74 -5.06 -24.37
C PRO D 14 36.74 -3.96 -24.68
N GLY D 15 36.54 -2.80 -24.07
CA GLY D 15 37.43 -1.67 -24.30
C GLY D 15 37.20 -0.98 -25.62
N GLY D 16 36.98 -1.76 -26.68
CA GLY D 16 36.74 -1.21 -28.01
C GLY D 16 35.73 -0.06 -28.07
N SER D 17 35.58 0.53 -29.25
CA SER D 17 34.68 1.68 -29.45
C SER D 17 33.48 1.42 -30.37
N LEU D 18 32.45 2.27 -30.24
CA LEU D 18 31.23 2.15 -31.03
C LEU D 18 30.46 3.46 -31.05
N LYS D 19 29.86 3.79 -32.18
CA LYS D 19 29.08 5.02 -32.26
C LYS D 19 27.66 4.67 -32.64
N LEU D 20 26.71 5.13 -31.82
CA LEU D 20 25.31 4.88 -32.11
C LEU D 20 24.70 6.16 -32.67
N SER D 21 23.71 5.98 -33.53
CA SER D 21 23.03 7.11 -34.15
C SER D 21 21.54 6.97 -33.90
N CYS D 22 20.83 8.07 -34.08
CA CYS D 22 19.39 8.12 -33.89
C CYS D 22 18.85 9.26 -34.74
N ALA D 23 18.19 8.90 -35.84
CA ALA D 23 17.62 9.88 -36.76
C ALA D 23 16.21 10.26 -36.30
N ALA D 24 16.06 11.50 -35.84
CA ALA D 24 14.77 11.98 -35.36
C ALA D 24 13.94 12.61 -36.49
N SER D 25 12.62 12.62 -36.31
CA SER D 25 11.70 13.20 -37.30
C SER D 25 10.46 13.77 -36.59
N GLY D 26 9.76 14.69 -37.26
CA GLY D 26 8.57 15.27 -36.66
C GLY D 26 8.76 16.37 -35.61
N PHE D 27 10.02 16.69 -35.31
CA PHE D 27 10.34 17.74 -34.34
C PHE D 27 11.78 18.20 -34.51
N SER D 28 12.22 19.16 -33.69
CA SER D 28 13.58 19.69 -33.75
C SER D 28 14.30 19.59 -32.41
N PHE D 29 15.58 19.21 -32.46
CA PHE D 29 16.44 19.10 -31.27
C PHE D 29 16.59 20.44 -30.56
N ARG D 30 16.36 21.53 -31.28
CA ARG D 30 16.48 22.85 -30.70
C ARG D 30 15.29 23.13 -29.79
N ASN D 31 14.25 22.31 -29.92
CA ASN D 31 13.04 22.48 -29.12
C ASN D 31 12.80 21.40 -28.07
N TYR D 32 13.65 20.37 -28.07
CA TYR D 32 13.52 19.25 -27.15
C TYR D 32 14.82 18.69 -26.61
N GLY D 33 14.75 18.17 -25.38
CA GLY D 33 15.90 17.53 -24.76
C GLY D 33 15.90 16.05 -25.15
N MET D 34 17.07 15.54 -25.51
CA MET D 34 17.22 14.14 -25.92
C MET D 34 18.05 13.33 -24.92
N SER D 35 17.75 12.04 -24.79
CA SER D 35 18.47 11.20 -23.87
C SER D 35 18.68 9.79 -24.41
N TRP D 36 19.61 9.08 -23.79
CA TRP D 36 19.88 7.70 -24.14
C TRP D 36 19.65 6.93 -22.85
N VAL D 37 18.83 5.88 -22.95
CA VAL D 37 18.55 5.01 -21.82
C VAL D 37 18.72 3.59 -22.35
N ARG D 38 19.40 2.75 -21.57
CA ARG D 38 19.62 1.38 -21.99
C ARG D 38 18.89 0.37 -21.10
N GLN D 39 18.53 -0.76 -21.67
CA GLN D 39 17.87 -1.81 -20.90
C GLN D 39 18.81 -3.00 -20.96
N THR D 40 19.28 -3.44 -19.81
CA THR D 40 20.20 -4.56 -19.75
C THR D 40 19.52 -5.90 -19.96
N PRO D 41 20.34 -6.97 -20.14
CA PRO D 41 19.81 -8.30 -20.34
C PRO D 41 18.88 -8.68 -19.20
N GLU D 42 19.19 -8.21 -17.99
CA GLU D 42 18.34 -8.50 -16.86
C GLU D 42 17.11 -7.59 -16.82
N LYS D 43 16.90 -6.83 -17.88
CA LYS D 43 15.75 -5.94 -18.01
C LYS D 43 15.73 -4.71 -17.10
N ARG D 44 16.91 -4.26 -16.70
CA ARG D 44 17.03 -3.09 -15.86
C ARG D 44 17.26 -1.88 -16.74
N LEU D 45 16.56 -0.80 -16.44
CA LEU D 45 16.69 0.45 -17.21
C LEU D 45 17.72 1.36 -16.54
N GLU D 46 18.63 1.87 -17.36
CA GLU D 46 19.71 2.73 -16.90
C GLU D 46 19.87 3.96 -17.76
N TRP D 47 19.84 5.12 -17.12
CA TRP D 47 20.02 6.37 -17.83
C TRP D 47 21.49 6.40 -18.25
N VAL D 48 21.73 6.79 -19.50
CA VAL D 48 23.09 6.84 -20.03
C VAL D 48 23.58 8.29 -20.13
N ALA D 49 22.81 9.12 -20.83
CA ALA D 49 23.17 10.51 -21.02
C ALA D 49 22.07 11.29 -21.69
N SER D 50 22.04 12.59 -21.45
CA SER D 50 21.07 13.49 -22.04
C SER D 50 21.68 14.84 -22.42
N ILE D 51 21.09 15.49 -23.42
CA ILE D 51 21.54 16.78 -23.92
C ILE D 51 20.28 17.65 -24.07
N SER D 52 20.29 18.84 -23.45
CA SER D 52 19.12 19.71 -23.50
C SER D 52 18.92 20.41 -24.82
N TYR D 53 17.71 20.93 -25.02
CA TYR D 53 17.35 21.66 -26.23
C TYR D 53 18.38 22.77 -26.43
N GLY D 54 19.07 23.13 -25.34
CA GLY D 54 20.06 24.18 -25.39
C GLY D 54 21.49 23.70 -25.49
N GLY D 55 21.68 22.38 -25.49
CA GLY D 55 23.01 21.82 -25.60
C GLY D 55 23.69 21.41 -24.30
N LEU D 56 23.05 21.63 -23.16
CA LEU D 56 23.64 21.24 -21.88
C LEU D 56 23.65 19.72 -21.76
N ILE D 57 24.82 19.16 -21.45
CA ILE D 57 24.98 17.72 -21.35
C ILE D 57 25.10 17.15 -19.93
N TYR D 58 24.46 16.00 -19.70
CA TYR D 58 24.45 15.32 -18.41
C TYR D 58 24.73 13.83 -18.53
N TYR D 59 25.55 13.32 -17.60
CA TYR D 59 25.90 11.90 -17.55
C TYR D 59 25.94 11.45 -16.12
N PRO D 60 25.77 10.14 -15.90
CA PRO D 60 25.83 9.65 -14.52
C PRO D 60 27.34 9.42 -14.38
N ASP D 61 27.86 9.32 -13.16
CA ASP D 61 29.30 9.09 -13.00
C ASP D 61 29.77 7.80 -13.68
N SER D 62 28.88 6.83 -13.81
CA SER D 62 29.21 5.54 -14.43
C SER D 62 29.50 5.63 -15.93
N ILE D 63 28.91 6.60 -16.61
CA ILE D 63 29.13 6.75 -18.04
C ILE D 63 30.00 7.97 -18.36
N LYS D 64 30.07 8.90 -17.41
CA LYS D 64 30.86 10.12 -17.56
C LYS D 64 32.32 9.76 -17.86
N GLY D 65 32.86 10.34 -18.92
CA GLY D 65 34.24 10.06 -19.28
C GLY D 65 34.38 9.02 -20.39
N ARG D 66 33.55 7.98 -20.34
CA ARG D 66 33.58 6.89 -21.33
C ARG D 66 32.69 7.13 -22.56
N PHE D 67 31.42 7.50 -22.33
CA PHE D 67 30.46 7.75 -23.42
C PHE D 67 30.29 9.23 -23.70
N THR D 68 30.02 9.57 -24.95
CA THR D 68 29.80 10.96 -25.34
C THR D 68 28.55 11.15 -26.19
N ILE D 69 27.65 11.98 -25.67
CA ILE D 69 26.44 12.32 -26.38
C ILE D 69 26.66 13.63 -27.13
N SER D 70 26.13 13.69 -28.34
CA SER D 70 26.24 14.85 -29.19
C SER D 70 25.03 14.81 -30.10
N ARG D 71 24.81 15.86 -30.87
CA ARG D 71 23.68 15.93 -31.78
C ARG D 71 24.00 16.80 -33.00
N ASP D 72 23.41 16.42 -34.12
CA ASP D 72 23.55 17.15 -35.37
C ASP D 72 22.18 17.81 -35.46
N ILE D 73 22.11 19.07 -35.08
CA ILE D 73 20.83 19.76 -35.10
C ILE D 73 20.28 19.91 -36.52
N ALA D 74 21.15 20.25 -37.46
CA ALA D 74 20.74 20.43 -38.84
C ALA D 74 20.17 19.15 -39.49
N GLN D 75 20.86 18.03 -39.33
CA GLN D 75 20.39 16.79 -39.92
C GLN D 75 19.42 16.10 -38.96
N ASN D 76 19.36 16.63 -37.73
CA ASN D 76 18.49 16.10 -36.67
C ASN D 76 18.85 14.65 -36.33
N ILE D 77 20.13 14.43 -35.99
CA ILE D 77 20.62 13.11 -35.62
C ILE D 77 21.32 13.19 -34.27
N LEU D 78 20.93 12.30 -33.36
CA LEU D 78 21.51 12.26 -32.02
C LEU D 78 22.53 11.14 -31.99
N TYR D 79 23.65 11.39 -31.34
CA TYR D 79 24.72 10.40 -31.27
C TYR D 79 25.14 10.00 -29.86
N LEU D 80 25.76 8.82 -29.78
CA LEU D 80 26.31 8.29 -28.53
C LEU D 80 27.59 7.53 -28.85
N GLN D 81 28.73 8.17 -28.55
CA GLN D 81 30.07 7.61 -28.74
C GLN D 81 30.46 6.76 -27.52
N MET D 82 30.71 5.47 -27.74
CA MET D 82 31.06 4.57 -26.66
C MET D 82 32.49 4.03 -26.73
N SER D 83 33.16 4.06 -25.58
CA SER D 83 34.54 3.56 -25.47
C SER D 83 34.62 2.97 -24.07
N SER D 84 35.78 2.46 -23.70
CA SER D 84 35.96 1.87 -22.38
C SER D 84 34.81 0.87 -22.14
N LEU D 85 34.46 0.13 -23.19
CA LEU D 85 33.37 -0.84 -23.13
C LEU D 85 33.66 -2.11 -22.35
N ARG D 86 32.68 -2.52 -21.55
CA ARG D 86 32.76 -3.72 -20.74
C ARG D 86 31.49 -4.51 -21.06
N SER D 87 31.37 -5.72 -20.51
CA SER D 87 30.20 -6.56 -20.75
C SER D 87 28.93 -5.97 -20.13
N GLU D 88 29.08 -5.23 -19.02
CA GLU D 88 27.97 -4.61 -18.33
C GLU D 88 27.33 -3.54 -19.20
N ASP D 89 28.05 -3.15 -20.24
CA ASP D 89 27.56 -2.14 -21.17
C ASP D 89 26.65 -2.77 -22.21
N THR D 90 26.56 -4.10 -22.18
CA THR D 90 25.72 -4.86 -23.09
C THR D 90 24.23 -4.56 -22.84
N ALA D 91 23.58 -3.94 -23.81
CA ALA D 91 22.18 -3.61 -23.66
C ALA D 91 21.56 -3.12 -24.95
N MET D 92 20.28 -2.80 -24.86
CA MET D 92 19.50 -2.26 -25.97
C MET D 92 19.49 -0.76 -25.66
N TYR D 93 20.00 0.04 -26.59
CA TYR D 93 20.09 1.48 -26.38
C TYR D 93 19.01 2.25 -27.12
N HIS D 94 18.32 3.09 -26.36
CA HIS D 94 17.23 3.90 -26.89
C HIS D 94 17.46 5.40 -26.76
N CYS D 95 17.15 6.14 -27.83
CA CYS D 95 17.22 7.60 -27.77
C CYS D 95 15.78 7.98 -27.38
N ILE D 96 15.68 9.01 -26.55
CA ILE D 96 14.39 9.42 -26.06
C ILE D 96 14.21 10.93 -26.19
N ARG D 97 13.00 11.34 -26.49
CA ARG D 97 12.70 12.76 -26.61
C ARG D 97 11.86 13.11 -25.40
N GLY D 98 12.29 14.11 -24.65
CA GLY D 98 11.54 14.51 -23.48
C GLY D 98 11.10 15.95 -23.60
N ASP D 99 10.29 16.39 -22.63
CA ASP D 99 9.79 17.75 -22.60
C ASP D 99 10.46 18.51 -21.46
N SER D 100 11.25 19.53 -21.81
CA SER D 100 12.00 20.33 -20.83
C SER D 100 11.23 20.65 -19.55
N PHE D 101 11.78 20.19 -18.43
CA PHE D 101 11.17 20.38 -17.11
C PHE D 101 9.71 19.98 -17.04
N LEU D 102 9.38 18.92 -17.75
CA LEU D 102 8.02 18.41 -17.79
C LEU D 102 8.12 16.90 -17.64
N VAL D 103 8.75 16.26 -18.62
CA VAL D 103 8.91 14.82 -18.65
C VAL D 103 10.27 14.46 -19.25
N TRP D 104 11.03 13.63 -18.55
CA TRP D 104 12.33 13.21 -19.05
C TRP D 104 12.28 12.35 -20.32
N PHE D 105 11.59 11.21 -20.24
CA PHE D 105 11.51 10.30 -21.38
C PHE D 105 10.09 10.11 -21.92
N THR D 106 9.60 11.12 -22.62
CA THR D 106 8.25 11.11 -23.19
C THR D 106 8.04 10.11 -24.34
N PHE D 107 9.00 10.04 -25.26
CA PHE D 107 8.92 9.14 -26.41
C PHE D 107 10.24 8.40 -26.62
N TRP D 108 10.16 7.08 -26.67
CA TRP D 108 11.33 6.21 -26.83
C TRP D 108 11.39 5.55 -28.21
N GLY D 109 12.60 5.34 -28.71
CA GLY D 109 12.75 4.65 -29.97
C GLY D 109 12.64 3.17 -29.65
N GLN D 110 12.70 2.31 -30.68
CA GLN D 110 12.62 0.86 -30.48
C GLN D 110 13.95 0.36 -29.93
N GLY D 111 15.03 1.09 -30.23
CA GLY D 111 16.36 0.76 -29.75
C GLY D 111 17.28 0.03 -30.70
N THR D 112 18.57 0.01 -30.36
CA THR D 112 19.58 -0.71 -31.13
C THR D 112 20.43 -1.49 -30.11
N LEU D 113 20.62 -2.77 -30.37
CA LEU D 113 21.35 -3.65 -29.46
C LEU D 113 22.88 -3.55 -29.53
N VAL D 114 23.51 -3.37 -28.39
CA VAL D 114 24.97 -3.32 -28.30
C VAL D 114 25.40 -4.53 -27.47
N THR D 115 26.29 -5.35 -28.03
CA THR D 115 26.79 -6.53 -27.32
C THR D 115 28.31 -6.45 -27.17
N VAL D 116 28.78 -6.31 -25.94
CA VAL D 116 30.21 -6.25 -25.69
C VAL D 116 30.65 -7.64 -25.26
N SER D 117 31.56 -8.23 -26.02
CA SER D 117 32.06 -9.56 -25.75
C SER D 117 33.35 -9.89 -26.49
N ALA D 118 34.15 -10.74 -25.85
CA ALA D 118 35.42 -11.18 -26.40
C ALA D 118 35.18 -12.43 -27.25
N ALA D 119 34.07 -13.11 -26.96
CA ALA D 119 33.70 -14.33 -27.66
C ALA D 119 33.71 -14.22 -29.18
N LYS D 120 33.98 -15.34 -29.84
CA LYS D 120 34.01 -15.40 -31.30
C LYS D 120 32.90 -16.30 -31.81
N THR D 121 32.48 -16.11 -33.05
CA THR D 121 31.42 -16.93 -33.63
C THR D 121 31.68 -18.42 -33.39
N THR D 122 30.86 -19.04 -32.55
CA THR D 122 31.01 -20.46 -32.27
C THR D 122 29.68 -21.17 -32.55
N ALA D 123 29.73 -22.19 -33.40
CA ALA D 123 28.54 -22.96 -33.72
C ALA D 123 28.15 -23.73 -32.46
N PRO D 124 26.84 -23.89 -32.19
CA PRO D 124 26.40 -24.62 -31.01
C PRO D 124 26.58 -26.14 -31.04
N SER D 125 26.56 -26.75 -29.86
CA SER D 125 26.65 -28.20 -29.72
C SER D 125 25.24 -28.66 -29.39
N VAL D 126 24.61 -29.40 -30.29
CA VAL D 126 23.23 -29.84 -30.04
C VAL D 126 23.18 -31.31 -29.65
N TYR D 127 22.64 -31.56 -28.46
CA TYR D 127 22.53 -32.92 -27.94
C TYR D 127 21.07 -33.27 -27.69
N PRO D 128 20.70 -34.54 -27.93
CA PRO D 128 19.34 -35.01 -27.71
C PRO D 128 19.16 -35.45 -26.26
N LEU D 129 18.11 -34.97 -25.59
CA LEU D 129 17.88 -35.39 -24.20
C LEU D 129 16.76 -36.43 -24.11
N ALA D 130 17.15 -37.69 -23.96
CA ALA D 130 16.21 -38.80 -23.87
C ALA D 130 15.89 -39.15 -22.42
N PRO D 131 14.61 -39.40 -22.12
CA PRO D 131 14.13 -39.74 -20.77
C PRO D 131 14.80 -40.95 -20.14
N VAL D 132 14.80 -40.98 -18.81
CA VAL D 132 15.36 -42.12 -18.06
C VAL D 132 14.18 -43.08 -17.93
N CYS D 133 14.42 -44.38 -18.10
CA CYS D 133 13.37 -45.40 -18.02
C CYS D 133 12.29 -45.25 -16.95
N GLY D 134 12.57 -44.49 -15.90
CA GLY D 134 11.59 -44.28 -14.84
C GLY D 134 10.57 -43.20 -15.10
N ASP D 135 10.91 -42.22 -15.96
CA ASP D 135 9.98 -41.14 -16.29
C ASP D 135 8.99 -41.56 -17.38
N THR D 136 9.36 -42.59 -18.15
CA THR D 136 8.56 -43.11 -19.27
C THR D 136 7.41 -44.09 -18.96
N THR D 137 7.06 -44.22 -17.68
CA THR D 137 6.00 -45.14 -17.28
C THR D 137 4.60 -44.50 -17.18
N GLY D 138 4.41 -43.34 -17.78
CA GLY D 138 3.12 -42.66 -17.71
C GLY D 138 2.43 -42.53 -19.05
N SER D 139 1.38 -41.70 -19.10
CA SER D 139 0.63 -41.49 -20.34
C SER D 139 1.35 -40.51 -21.28
N SER D 140 2.17 -39.64 -20.71
CA SER D 140 2.91 -38.67 -21.52
C SER D 140 4.39 -38.88 -21.28
N VAL D 141 5.19 -38.28 -22.15
CA VAL D 141 6.64 -38.37 -22.06
C VAL D 141 7.27 -37.03 -22.47
N THR D 142 8.31 -36.60 -21.76
CA THR D 142 8.98 -35.35 -22.07
C THR D 142 10.38 -35.60 -22.60
N LEU D 143 10.68 -34.97 -23.73
CA LEU D 143 11.98 -35.09 -24.37
C LEU D 143 12.63 -33.72 -24.33
N GLY D 144 13.93 -33.66 -24.56
CA GLY D 144 14.58 -32.37 -24.53
C GLY D 144 15.64 -32.22 -25.59
N CYS D 145 16.20 -31.01 -25.64
CA CYS D 145 17.24 -30.70 -26.58
C CYS D 145 18.13 -29.65 -25.93
N LEU D 146 19.41 -29.98 -25.81
CA LEU D 146 20.42 -29.11 -25.21
C LEU D 146 21.30 -28.45 -26.27
N VAL D 147 21.12 -27.14 -26.46
CA VAL D 147 21.88 -26.35 -27.42
C VAL D 147 22.97 -25.63 -26.64
N LYS D 148 24.16 -26.22 -26.63
CA LYS D 148 25.28 -25.70 -25.85
C LYS D 148 26.43 -24.94 -26.54
N GLY D 149 26.99 -24.01 -25.78
CA GLY D 149 28.12 -23.20 -26.20
C GLY D 149 28.18 -22.51 -27.54
N TYR D 150 27.16 -21.73 -27.86
CA TYR D 150 27.16 -21.02 -29.14
C TYR D 150 27.38 -19.52 -28.98
N PHE D 151 27.83 -18.89 -30.07
CA PHE D 151 28.05 -17.45 -30.09
C PHE D 151 28.12 -16.94 -31.54
N PRO D 152 27.39 -15.84 -31.82
CA PRO D 152 26.56 -15.16 -30.82
C PRO D 152 25.17 -15.74 -30.77
N GLU D 153 24.24 -14.92 -30.31
CA GLU D 153 22.84 -15.28 -30.22
C GLU D 153 22.31 -14.65 -31.50
N PRO D 154 21.19 -15.14 -32.02
CA PRO D 154 20.44 -16.26 -31.46
C PRO D 154 20.54 -17.53 -32.30
N VAL D 155 19.77 -18.53 -31.89
CA VAL D 155 19.69 -19.80 -32.58
C VAL D 155 18.19 -20.06 -32.72
N THR D 156 17.79 -20.79 -33.75
CA THR D 156 16.37 -21.09 -33.95
C THR D 156 16.15 -22.60 -33.82
N LEU D 157 15.46 -23.00 -32.76
CA LEU D 157 15.19 -24.42 -32.51
C LEU D 157 13.72 -24.77 -32.71
N THR D 158 13.46 -25.79 -33.53
CA THR D 158 12.09 -26.28 -33.75
C THR D 158 12.03 -27.79 -33.51
N TRP D 159 10.82 -28.34 -33.56
CA TRP D 159 10.62 -29.77 -33.36
C TRP D 159 9.91 -30.37 -34.57
N ASN D 160 10.56 -31.34 -35.20
CA ASN D 160 10.00 -31.98 -36.38
C ASN D 160 9.71 -30.92 -37.46
N SER D 161 10.58 -29.91 -37.52
CA SER D 161 10.49 -28.80 -38.48
C SER D 161 9.38 -27.78 -38.19
N GLY D 162 8.86 -27.79 -36.97
CA GLY D 162 7.79 -26.87 -36.62
C GLY D 162 6.46 -27.59 -36.62
N SER D 163 6.48 -28.85 -37.07
CA SER D 163 5.28 -29.70 -37.13
C SER D 163 4.78 -29.96 -35.72
N LEU D 164 5.73 -30.03 -34.79
CA LEU D 164 5.44 -30.27 -33.39
C LEU D 164 5.52 -28.90 -32.73
N SER D 165 4.35 -28.32 -32.47
CA SER D 165 4.27 -26.98 -31.90
C SER D 165 3.83 -26.84 -30.44
N SER D 166 2.73 -27.50 -30.08
CA SER D 166 2.20 -27.42 -28.72
C SER D 166 2.97 -28.28 -27.71
N GLY D 167 2.84 -27.94 -26.43
CA GLY D 167 3.53 -28.68 -25.39
C GLY D 167 5.04 -28.56 -25.49
N VAL D 168 5.50 -27.40 -25.95
CA VAL D 168 6.93 -27.15 -26.08
C VAL D 168 7.37 -26.00 -25.19
N HIS D 169 8.57 -26.10 -24.65
CA HIS D 169 9.17 -25.06 -23.81
C HIS D 169 10.62 -24.89 -24.22
N THR D 170 10.92 -23.77 -24.87
CA THR D 170 12.28 -23.46 -25.25
C THR D 170 12.69 -22.34 -24.28
N PHE D 171 13.63 -22.64 -23.41
CA PHE D 171 14.08 -21.72 -22.40
C PHE D 171 15.09 -20.68 -22.83
N PRO D 172 14.99 -19.47 -22.26
CA PRO D 172 15.89 -18.36 -22.57
C PRO D 172 17.37 -18.78 -22.50
N ALA D 173 18.19 -18.24 -23.39
CA ALA D 173 19.61 -18.57 -23.41
C ALA D 173 20.33 -17.87 -22.26
N VAL D 174 21.37 -18.52 -21.75
CA VAL D 174 22.18 -17.97 -20.65
C VAL D 174 23.65 -18.14 -21.05
N LEU D 175 24.53 -17.35 -20.43
CA LEU D 175 25.97 -17.43 -20.69
C LEU D 175 26.58 -18.54 -19.87
N GLN D 176 27.08 -19.58 -20.53
CA GLN D 176 27.71 -20.69 -19.85
C GLN D 176 29.15 -20.30 -19.50
N SER D 177 29.72 -19.41 -20.30
CA SER D 177 31.09 -18.90 -20.12
C SER D 177 31.45 -18.10 -21.37
N ASP D 178 30.86 -16.92 -21.50
CA ASP D 178 31.09 -16.06 -22.66
C ASP D 178 30.46 -16.68 -23.90
N LEU D 179 29.85 -17.85 -23.69
CA LEU D 179 29.15 -18.58 -24.75
C LEU D 179 27.73 -18.83 -24.24
N TYR D 180 26.81 -18.99 -25.16
CA TYR D 180 25.40 -19.22 -24.81
C TYR D 180 24.98 -20.68 -24.81
N THR D 181 24.04 -20.99 -23.93
CA THR D 181 23.51 -22.34 -23.85
C THR D 181 22.01 -22.21 -23.64
N LEU D 182 21.26 -23.10 -24.27
CA LEU D 182 19.82 -23.09 -24.19
C LEU D 182 19.30 -24.52 -24.32
N SER D 183 18.09 -24.75 -23.82
CA SER D 183 17.47 -26.07 -23.95
C SER D 183 15.95 -25.93 -24.22
N SER D 184 15.40 -26.96 -24.86
CA SER D 184 13.99 -27.00 -25.20
C SER D 184 13.40 -28.36 -24.82
N SER D 185 12.15 -28.37 -24.40
CA SER D 185 11.50 -29.63 -24.06
C SER D 185 10.18 -29.70 -24.81
N VAL D 186 9.77 -30.93 -25.12
CA VAL D 186 8.51 -31.14 -25.79
C VAL D 186 7.85 -32.33 -25.09
N THR D 187 6.59 -32.16 -24.73
CA THR D 187 5.87 -33.22 -24.07
C THR D 187 4.78 -33.74 -25.02
N VAL D 188 4.78 -35.06 -25.20
CA VAL D 188 3.84 -35.73 -26.09
C VAL D 188 3.33 -37.02 -25.46
N THR D 189 2.20 -37.52 -25.97
CA THR D 189 1.62 -38.76 -25.45
C THR D 189 2.64 -39.90 -25.59
N SER D 190 2.57 -40.86 -24.66
CA SER D 190 3.47 -42.00 -24.69
C SER D 190 3.36 -42.81 -25.99
N SER D 191 2.21 -42.73 -26.65
CA SER D 191 1.98 -43.46 -27.89
C SER D 191 2.66 -42.77 -29.06
N THR D 192 3.24 -41.61 -28.79
CA THR D 192 3.91 -40.81 -29.81
C THR D 192 5.43 -41.03 -29.84
N TRP D 193 5.96 -41.70 -28.83
CA TRP D 193 7.40 -41.90 -28.76
C TRP D 193 7.78 -42.92 -27.70
N PRO D 194 8.81 -43.74 -27.98
CA PRO D 194 9.63 -43.77 -29.18
C PRO D 194 9.09 -44.53 -30.39
N SER D 195 7.80 -44.83 -30.38
CA SER D 195 7.20 -45.54 -31.52
C SER D 195 7.20 -44.63 -32.75
N GLN D 196 7.25 -43.33 -32.52
CA GLN D 196 7.25 -42.33 -33.58
C GLN D 196 8.55 -41.54 -33.53
N SER D 197 8.93 -40.96 -34.67
CA SER D 197 10.15 -40.18 -34.77
C SER D 197 9.92 -38.72 -34.34
N ILE D 198 10.83 -38.20 -33.51
CA ILE D 198 10.77 -36.83 -33.00
C ILE D 198 12.19 -36.25 -33.11
N THR D 199 12.31 -35.14 -33.83
CA THR D 199 13.60 -34.52 -34.03
C THR D 199 13.60 -33.07 -33.59
N CYS D 200 14.77 -32.66 -33.12
CA CYS D 200 15.02 -31.29 -32.68
C CYS D 200 15.79 -30.61 -33.82
N ASN D 201 15.26 -29.50 -34.33
CA ASN D 201 15.92 -28.78 -35.42
C ASN D 201 16.53 -27.46 -34.93
N VAL D 202 17.86 -27.39 -34.91
CA VAL D 202 18.53 -26.18 -34.45
C VAL D 202 19.38 -25.49 -35.49
N ALA D 203 19.10 -24.20 -35.71
CA ALA D 203 19.85 -23.39 -36.66
C ALA D 203 20.60 -22.30 -35.91
N HIS D 204 21.71 -21.86 -36.48
CA HIS D 204 22.53 -20.79 -35.91
C HIS D 204 23.01 -19.99 -37.11
N PRO D 205 22.19 -19.05 -37.59
CA PRO D 205 22.51 -18.22 -38.74
C PRO D 205 23.93 -17.63 -38.74
N ALA D 206 24.39 -17.13 -37.59
CA ALA D 206 25.71 -16.53 -37.47
C ALA D 206 26.81 -17.47 -37.97
N SER D 207 26.68 -18.76 -37.70
CA SER D 207 27.68 -19.72 -38.13
C SER D 207 27.23 -20.59 -39.30
N SER D 208 26.13 -20.21 -39.92
CA SER D 208 25.59 -20.96 -41.05
C SER D 208 25.36 -22.39 -40.59
N THR D 209 24.82 -22.53 -39.37
CA THR D 209 24.53 -23.82 -38.76
C THR D 209 23.06 -24.22 -38.85
N GLN D 210 22.83 -25.45 -39.26
CA GLN D 210 21.47 -25.99 -39.35
C GLN D 210 21.56 -27.48 -39.08
N VAL D 211 21.51 -27.84 -37.80
CA VAL D 211 21.59 -29.24 -37.40
C VAL D 211 20.24 -29.82 -36.97
N ASP D 212 20.15 -31.16 -37.00
CA ASP D 212 18.94 -31.87 -36.61
C ASP D 212 19.35 -33.03 -35.70
N LYS D 213 18.64 -33.17 -34.58
CA LYS D 213 18.94 -34.23 -33.62
C LYS D 213 17.70 -35.01 -33.26
N LYS D 214 17.68 -36.29 -33.64
CA LYS D 214 16.53 -37.13 -33.33
C LYS D 214 16.71 -37.77 -31.96
N ILE D 215 15.69 -37.64 -31.12
CA ILE D 215 15.71 -38.18 -29.77
C ILE D 215 15.35 -39.68 -29.76
N GLU D 216 16.34 -40.50 -29.42
CA GLU D 216 16.18 -41.96 -29.36
C GLU D 216 16.29 -42.47 -27.91
N PRO D 217 15.73 -43.64 -27.60
CA PRO D 217 15.75 -44.25 -26.27
C PRO D 217 17.13 -44.46 -25.61
N ARG D 218 17.22 -44.19 -24.31
CA ARG D 218 18.47 -44.37 -23.57
C ARG D 218 18.78 -45.86 -23.45
N GLY D 219 20.07 -46.22 -23.40
CA GLY D 219 20.42 -47.62 -23.24
C GLY D 219 21.02 -48.43 -24.39
N PRO D 220 21.11 -49.76 -24.23
CA PRO D 220 21.66 -50.69 -25.22
C PRO D 220 20.61 -51.49 -25.99
#